data_4OXD
#
_entry.id   4OXD
#
_cell.length_a   345.954
_cell.length_b   42.549
_cell.length_c   79.318
_cell.angle_alpha   90.00
_cell.angle_beta   93.07
_cell.angle_gamma   90.00
#
_symmetry.space_group_name_H-M   'C 1 2 1'
#
loop_
_entity.id
_entity.type
_entity.pdbx_description
1 polymer 'LdcB LD-carboxypeptidase'
2 polymer MUB-ALA-ZGL-LYS-DSG
3 non-polymer 'ZINC ION'
4 non-polymer 'MAGNESIUM ION'
5 non-polymer LYSINE
6 non-polymer 'CHLORIDE ION'
7 non-polymer 'N-acetyl-alpha-muramic acid'
8 water water
#
loop_
_entity_poly.entity_id
_entity_poly.type
_entity_poly.pdbx_seq_one_letter_code
_entity_poly.pdbx_strand_id
1 'polypeptide(L)'
;GSHMEVVNKGDYYSIQGKYDEIIVANKHYPLSKDYNPGENPTAKAELVKLIKAMQEAGFPISDHYSGFRSYETQTKLYQD
YVNQDGKEAADRYSARPGYSEHQTGLAFDVIGTDGDLVTEEKAAQWLLDHAADYGFVVRYLKGKEKETGYMAEEWHLRYV
GKEAKEIAESGLSLEEYYGFEGGDYVD
;
A,B,C,D,E
2 'polypeptide(L)' A(ZGL)K(DSG) H
#
# COMPACT_ATOMS: atom_id res chain seq x y z
N SER A 2 13.68 15.84 39.84
CA SER A 2 14.26 14.74 38.99
C SER A 2 14.51 15.18 37.56
N HIS A 3 13.53 15.84 36.95
CA HIS A 3 13.66 16.39 35.59
C HIS A 3 15.00 17.11 35.41
N MET A 4 15.93 16.40 34.77
CA MET A 4 17.26 16.94 34.51
C MET A 4 17.22 17.67 33.18
N GLU A 5 17.86 18.84 33.14
CA GLU A 5 17.97 19.60 31.89
C GLU A 5 19.15 19.05 31.10
N VAL A 6 19.09 19.19 29.78
CA VAL A 6 20.01 18.52 28.86
C VAL A 6 21.37 19.23 28.83
N VAL A 7 22.44 18.46 28.62
CA VAL A 7 23.81 18.99 28.64
C VAL A 7 24.46 18.87 27.25
N ASN A 8 24.86 20.02 26.68
CA ASN A 8 25.53 20.05 25.38
C ASN A 8 26.98 19.57 25.48
N LYS A 9 27.28 18.48 24.77
CA LYS A 9 28.62 17.90 24.75
C LYS A 9 29.44 18.34 23.54
N GLY A 10 28.85 19.19 22.70
CA GLY A 10 29.51 19.71 21.51
C GLY A 10 28.83 19.21 20.25
N ASP A 11 29.18 18.00 19.83
CA ASP A 11 28.59 17.37 18.64
C ASP A 11 27.14 16.95 18.86
N TYR A 12 26.80 16.66 20.12
CA TYR A 12 25.47 16.18 20.47
C TYR A 12 25.05 16.65 21.85
N TYR A 13 23.75 16.61 22.09
CA TYR A 13 23.19 16.79 23.43
C TYR A 13 23.04 15.42 24.08
N SER A 14 23.07 15.40 25.41
CA SER A 14 22.87 14.17 26.16
C SER A 14 22.29 14.45 27.53
N ILE A 15 21.54 13.49 28.06
CA ILE A 15 20.97 13.59 29.40
C ILE A 15 21.44 12.42 30.26
N GLN A 16 21.70 12.68 31.53
CA GLN A 16 22.21 11.66 32.44
C GLN A 16 21.07 10.75 32.89
N GLY A 17 21.09 9.50 32.43
CA GLY A 17 20.10 8.51 32.82
C GLY A 17 20.36 7.96 34.21
N LYS A 18 19.60 6.93 34.57
CA LYS A 18 19.72 6.27 35.86
C LYS A 18 21.05 5.53 36.01
N TYR A 19 21.50 4.88 34.92
CA TYR A 19 22.77 4.15 34.93
C TYR A 19 23.79 4.63 33.88
N ASP A 20 23.33 5.31 32.84
CA ASP A 20 24.19 5.68 31.70
C ASP A 20 23.86 7.06 31.14
N GLU A 21 24.79 7.62 30.38
CA GLU A 21 24.56 8.86 29.67
C GLU A 21 23.72 8.56 28.43
N ILE A 22 22.61 9.26 28.28
CA ILE A 22 21.65 9.01 27.21
C ILE A 22 21.70 10.11 26.15
N ILE A 23 22.27 9.78 25.00
CA ILE A 23 22.40 10.73 23.90
C ILE A 23 21.01 11.04 23.34
N VAL A 24 20.77 12.31 23.05
CA VAL A 24 19.45 12.78 22.61
C VAL A 24 19.55 13.34 21.20
N ALA A 25 18.77 12.75 20.29
CA ALA A 25 18.71 13.17 18.89
C ALA A 25 17.27 13.12 18.39
N ASN A 26 16.71 14.29 18.11
CA ASN A 26 15.36 14.40 17.53
C ASN A 26 15.16 15.77 16.88
N LYS A 27 13.94 16.04 16.41
CA LYS A 27 13.63 17.28 15.67
C LYS A 27 13.97 18.56 16.45
N HIS A 28 13.93 18.49 17.77
CA HIS A 28 14.27 19.62 18.63
C HIS A 28 15.76 19.68 18.98
N TYR A 29 16.42 18.51 19.01
CA TYR A 29 17.83 18.43 19.38
C TYR A 29 18.67 17.84 18.26
N PRO A 30 19.26 18.69 17.40
CA PRO A 30 20.04 18.19 16.26
C PRO A 30 21.49 17.83 16.61
N LEU A 31 22.09 17.01 15.75
CA LEU A 31 23.49 16.62 15.86
C LEU A 31 24.31 17.47 14.89
N SER A 32 25.61 17.58 15.14
CA SER A 32 26.50 18.31 14.25
C SER A 32 26.71 17.57 12.92
N LYS A 33 27.12 18.32 11.90
CA LYS A 33 27.32 17.80 10.55
C LYS A 33 28.42 16.73 10.48
N ASP A 34 29.51 16.97 11.22
CA ASP A 34 30.70 16.11 11.17
C ASP A 34 30.59 14.82 12.00
N TYR A 35 29.63 14.78 12.93
CA TYR A 35 29.44 13.64 13.83
C TYR A 35 29.29 12.31 13.08
N ASN A 36 30.37 11.54 13.02
CA ASN A 36 30.44 10.32 12.20
C ASN A 36 30.94 9.10 12.98
N PRO A 37 30.32 8.80 14.13
CA PRO A 37 30.84 7.82 15.10
C PRO A 37 30.91 6.37 14.62
N GLY A 38 30.10 6.01 13.62
CA GLY A 38 29.92 4.62 13.23
C GLY A 38 28.95 3.98 14.20
N GLU A 39 28.83 2.66 14.16
CA GLU A 39 27.89 1.95 15.04
C GLU A 39 28.51 1.64 16.41
N ASN A 40 27.69 1.71 17.44
CA ASN A 40 28.13 1.45 18.81
C ASN A 40 28.40 -0.04 19.04
N PRO A 41 29.63 -0.40 19.44
CA PRO A 41 30.02 -1.82 19.55
C PRO A 41 29.27 -2.60 20.65
N THR A 42 28.90 -1.92 21.74
CA THR A 42 28.08 -2.54 22.79
C THR A 42 26.68 -2.85 22.24
N ALA A 43 26.05 -1.83 21.65
CA ALA A 43 24.72 -1.98 21.06
C ALA A 43 24.73 -2.98 19.92
N LYS A 44 25.80 -2.95 19.13
CA LYS A 44 26.00 -3.89 18.03
C LYS A 44 25.99 -5.33 18.53
N ALA A 45 26.72 -5.58 19.61
CA ALA A 45 26.79 -6.92 20.20
C ALA A 45 25.44 -7.39 20.77
N GLU A 46 24.61 -6.45 21.22
CA GLU A 46 23.30 -6.79 21.78
C GLU A 46 22.28 -7.07 20.69
N LEU A 47 22.31 -6.28 19.62
CA LEU A 47 21.41 -6.48 18.47
C LEU A 47 21.62 -7.86 17.84
N VAL A 48 22.88 -8.23 17.62
CA VAL A 48 23.24 -9.54 17.08
C VAL A 48 22.61 -10.68 17.91
N LYS A 49 22.69 -10.58 19.23
CA LYS A 49 22.06 -11.56 20.12
C LYS A 49 20.55 -11.58 19.92
N LEU A 50 19.96 -10.39 19.78
CA LEU A 50 18.52 -10.23 19.60
C LEU A 50 18.06 -10.85 18.29
N ILE A 51 18.76 -10.56 17.21
CA ILE A 51 18.41 -11.07 15.88
C ILE A 51 18.39 -12.60 15.86
N LYS A 52 19.37 -13.22 16.51
CA LYS A 52 19.43 -14.68 16.59
C LYS A 52 18.26 -15.25 17.40
N ALA A 53 17.90 -14.56 18.48
CA ALA A 53 16.73 -14.95 19.28
C ALA A 53 15.45 -14.91 18.43
N MET A 54 15.31 -13.88 17.61
CA MET A 54 14.15 -13.75 16.73
C MET A 54 14.15 -14.82 15.64
N GLN A 55 15.31 -15.05 15.03
CA GLN A 55 15.43 -16.06 13.98
C GLN A 55 15.17 -17.46 14.52
N GLU A 56 15.79 -17.79 15.64
CA GLU A 56 15.60 -19.09 16.29
C GLU A 56 14.19 -19.26 16.85
N ALA A 57 13.50 -18.15 17.09
CA ALA A 57 12.08 -18.17 17.49
C ALA A 57 11.17 -18.51 16.31
N GLY A 58 11.67 -18.33 15.09
CA GLY A 58 10.94 -18.73 13.88
C GLY A 58 10.54 -17.58 12.98
N PHE A 59 10.83 -16.34 13.39
CA PHE A 59 10.48 -15.16 12.61
C PHE A 59 11.44 -14.96 11.44
N PRO A 60 10.92 -14.59 10.26
CA PRO A 60 11.79 -14.26 9.14
C PRO A 60 12.44 -12.91 9.38
N ILE A 61 13.67 -12.93 9.90
CA ILE A 61 14.41 -11.71 10.15
C ILE A 61 15.77 -11.86 9.48
N SER A 62 16.17 -10.84 8.74
CA SER A 62 17.40 -10.87 7.97
C SER A 62 18.63 -10.75 8.87
N ASP A 63 19.79 -11.07 8.29
CA ASP A 63 21.07 -10.93 8.99
C ASP A 63 21.65 -9.53 8.88
N HIS A 64 20.99 -8.65 8.13
CA HIS A 64 21.44 -7.26 7.99
C HIS A 64 20.32 -6.29 8.35
N TYR A 65 20.72 -5.04 8.58
CA TYR A 65 19.88 -4.07 9.25
C TYR A 65 20.28 -2.65 8.85
N SER A 66 19.35 -1.71 8.96
CA SER A 66 19.65 -0.31 8.77
C SER A 66 20.18 0.25 10.09
N GLY A 67 21.50 0.23 10.25
CA GLY A 67 22.15 0.66 11.48
C GLY A 67 22.58 2.12 11.43
N PHE A 68 23.87 2.35 11.26
CA PHE A 68 24.42 3.71 11.25
C PHE A 68 24.25 4.40 9.89
N ARG A 69 23.76 5.64 9.92
CA ARG A 69 23.65 6.48 8.72
C ARG A 69 24.21 7.87 8.98
N SER A 70 25.21 8.24 8.18
CA SER A 70 25.89 9.52 8.33
C SER A 70 25.02 10.66 7.85
N TYR A 71 25.46 11.89 8.11
CA TYR A 71 24.79 13.10 7.62
C TYR A 71 24.63 13.03 6.10
N GLU A 72 25.72 12.66 5.42
CA GLU A 72 25.77 12.64 3.97
C GLU A 72 24.76 11.63 3.40
N THR A 73 24.79 10.41 3.93
CA THR A 73 23.80 9.39 3.57
C THR A 73 22.38 9.89 3.81
N GLN A 74 22.18 10.55 4.95
CA GLN A 74 20.88 11.10 5.34
C GLN A 74 20.37 12.14 4.35
N THR A 75 21.28 13.00 3.87
CA THR A 75 20.92 14.04 2.92
C THR A 75 20.30 13.45 1.66
N LYS A 76 20.83 12.33 1.19
CA LYS A 76 20.33 11.68 -0.02
C LYS A 76 19.11 10.80 0.27
N LEU A 77 19.02 10.28 1.50
CA LEU A 77 17.88 9.47 1.90
C LEU A 77 16.62 10.33 2.10
N TYR A 78 16.79 11.49 2.72
CA TYR A 78 15.66 12.38 2.98
C TYR A 78 15.01 12.88 1.68
N GLN A 79 15.80 13.53 0.83
CA GLN A 79 15.28 14.11 -0.42
C GLN A 79 14.58 13.11 -1.35
N ASP A 80 14.97 11.85 -1.30
CA ASP A 80 14.31 10.80 -2.07
C ASP A 80 12.90 10.52 -1.56
N TYR A 81 12.74 10.51 -0.23
CA TYR A 81 11.43 10.34 0.40
C TYR A 81 10.54 11.55 0.15
N VAL A 82 11.15 12.73 0.10
CA VAL A 82 10.45 13.95 -0.23
C VAL A 82 9.90 13.84 -1.65
N ASN A 83 10.75 13.44 -2.59
CA ASN A 83 10.34 13.15 -3.96
C ASN A 83 9.14 12.20 -4.01
N GLN A 84 9.18 11.16 -3.18
CA GLN A 84 8.15 10.12 -3.17
C GLN A 84 6.78 10.62 -2.70
N ASP A 85 6.74 11.32 -1.57
CA ASP A 85 5.48 11.72 -0.93
C ASP A 85 5.31 13.21 -0.66
N GLY A 86 6.32 14.02 -0.98
CA GLY A 86 6.28 15.46 -0.68
C GLY A 86 7.17 15.79 0.51
N LYS A 87 6.79 16.83 1.25
CA LYS A 87 7.59 17.24 2.41
C LYS A 87 6.84 17.09 3.71
N GLU A 88 5.52 17.29 3.68
CA GLU A 88 4.69 17.15 4.87
C GLU A 88 4.53 15.68 5.27
N ALA A 89 4.46 14.80 4.27
CA ALA A 89 4.30 13.36 4.53
C ALA A 89 5.66 12.70 4.81
N ALA A 90 6.71 13.19 4.14
CA ALA A 90 8.08 12.69 4.37
C ALA A 90 8.55 13.01 5.79
N ASP A 91 8.28 14.23 6.26
CA ASP A 91 8.67 14.64 7.61
C ASP A 91 8.06 13.78 8.72
N ARG A 92 6.96 13.10 8.44
CA ARG A 92 6.30 12.24 9.44
C ARG A 92 7.05 10.93 9.74
N TYR A 93 7.90 10.49 8.81
CA TYR A 93 8.64 9.23 8.99
C TYR A 93 10.13 9.29 8.62
N SER A 94 10.62 10.47 8.27
CA SER A 94 11.99 10.61 7.83
C SER A 94 12.59 11.93 8.29
N ALA A 95 13.68 11.84 9.03
CA ALA A 95 14.34 12.99 9.62
C ALA A 95 15.18 13.72 8.60
N ARG A 96 15.32 15.03 8.80
CA ARG A 96 16.21 15.84 8.00
C ARG A 96 17.65 15.52 8.38
N PRO A 97 18.60 15.84 7.49
CA PRO A 97 20.01 15.60 7.80
C PRO A 97 20.45 16.33 9.06
N GLY A 98 20.98 15.59 10.03
CA GLY A 98 21.40 16.16 11.32
C GLY A 98 20.36 16.06 12.42
N TYR A 99 19.29 15.31 12.18
CA TYR A 99 18.24 15.07 13.18
C TYR A 99 17.93 13.58 13.37
N SER A 100 18.64 12.70 12.67
CA SER A 100 18.31 11.28 12.69
C SER A 100 19.07 10.55 13.79
N GLU A 101 18.34 9.74 14.54
CA GLU A 101 18.91 8.91 15.60
C GLU A 101 19.93 7.91 15.05
N HIS A 102 19.81 7.54 13.79
CA HIS A 102 20.76 6.63 13.16
C HIS A 102 22.18 7.18 13.08
N GLN A 103 22.30 8.51 13.07
CA GLN A 103 23.62 9.15 13.02
C GLN A 103 24.41 8.95 14.31
N THR A 104 23.73 8.64 15.40
CA THR A 104 24.38 8.41 16.69
C THR A 104 25.12 7.09 16.77
N GLY A 105 24.72 6.13 15.95
CA GLY A 105 25.29 4.78 15.99
C GLY A 105 24.57 3.88 16.98
N LEU A 106 23.45 4.36 17.53
CA LEU A 106 22.72 3.67 18.59
C LEU A 106 21.35 3.17 18.15
N ALA A 107 20.99 3.41 16.89
CA ALA A 107 19.66 3.08 16.38
C ALA A 107 19.77 2.15 15.17
N PHE A 108 18.92 1.13 15.15
CA PHE A 108 18.98 0.07 14.14
C PHE A 108 17.57 -0.34 13.72
N ASP A 109 17.32 -0.46 12.42
CA ASP A 109 16.03 -0.97 11.92
C ASP A 109 16.13 -2.43 11.50
N VAL A 110 15.45 -3.29 12.25
CA VAL A 110 15.30 -4.70 11.92
C VAL A 110 14.58 -4.88 10.58
N ILE A 111 15.10 -5.77 9.73
CA ILE A 111 14.50 -6.07 8.43
C ILE A 111 13.82 -7.44 8.48
N GLY A 112 12.62 -7.52 7.91
CA GLY A 112 11.80 -8.74 7.99
C GLY A 112 11.80 -9.64 6.76
N THR A 113 12.18 -9.11 5.60
CA THR A 113 12.11 -9.84 4.32
C THR A 113 10.66 -10.19 3.91
N ASP A 114 9.80 -10.50 4.89
CA ASP A 114 8.35 -10.44 4.71
C ASP A 114 7.82 -11.65 3.92
N GLY A 115 6.49 -11.78 3.76
CA GLY A 115 5.50 -10.84 4.28
C GLY A 115 4.14 -11.45 4.47
N ASP A 116 3.95 -12.08 5.63
CA ASP A 116 2.70 -12.76 5.95
C ASP A 116 1.73 -11.85 6.72
N LEU A 117 2.17 -10.63 7.05
CA LEU A 117 1.37 -9.66 7.82
C LEU A 117 1.08 -10.11 9.25
N VAL A 118 0.37 -11.23 9.39
CA VAL A 118 0.24 -11.90 10.70
C VAL A 118 1.63 -12.14 11.32
N THR A 119 2.59 -12.55 10.50
CA THR A 119 3.96 -12.81 10.97
C THR A 119 4.67 -11.50 11.34
N GLU A 120 4.41 -10.44 10.58
CA GLU A 120 4.99 -9.13 10.88
C GLU A 120 4.54 -8.61 12.25
N GLU A 121 3.23 -8.58 12.48
CA GLU A 121 2.70 -8.03 13.73
C GLU A 121 3.06 -8.88 14.94
N LYS A 122 3.14 -10.20 14.75
CA LYS A 122 3.70 -11.07 15.78
C LYS A 122 5.14 -10.67 16.11
N ALA A 123 5.93 -10.44 15.07
CA ALA A 123 7.31 -9.98 15.23
C ALA A 123 7.40 -8.59 15.89
N ALA A 124 6.49 -7.70 15.52
CA ALA A 124 6.46 -6.35 16.09
C ALA A 124 6.13 -6.38 17.59
N GLN A 125 5.28 -7.31 17.99
CA GLN A 125 4.89 -7.46 19.40
C GLN A 125 6.03 -8.11 20.19
N TRP A 126 6.74 -9.04 19.55
CA TRP A 126 7.88 -9.69 20.17
C TRP A 126 8.88 -8.65 20.66
N LEU A 127 9.15 -7.66 19.81
CA LEU A 127 10.07 -6.57 20.13
C LEU A 127 9.61 -5.83 21.37
N LEU A 128 8.35 -5.39 21.36
CA LEU A 128 7.76 -4.71 22.51
C LEU A 128 7.93 -5.52 23.81
N ASP A 129 7.75 -6.83 23.72
CA ASP A 129 7.82 -7.70 24.89
C ASP A 129 9.24 -8.04 25.34
N HIS A 130 10.20 -8.11 24.41
CA HIS A 130 11.54 -8.62 24.72
C HIS A 130 12.73 -7.75 24.26
N ALA A 131 12.49 -6.57 23.69
CA ALA A 131 13.60 -5.70 23.26
C ALA A 131 14.37 -5.12 24.43
N ALA A 132 13.71 -4.93 25.57
CA ALA A 132 14.37 -4.37 26.76
C ALA A 132 15.43 -5.32 27.30
N ASP A 133 15.15 -6.62 27.21
CA ASP A 133 16.09 -7.67 27.61
C ASP A 133 17.51 -7.42 27.05
N TYR A 134 17.59 -6.86 25.85
CA TYR A 134 18.87 -6.57 25.19
C TYR A 134 19.25 -5.08 25.19
N GLY A 135 18.64 -4.32 26.09
CA GLY A 135 18.94 -2.88 26.22
C GLY A 135 18.35 -1.98 25.14
N PHE A 136 17.41 -2.51 24.36
CA PHE A 136 16.76 -1.74 23.29
C PHE A 136 15.35 -1.33 23.66
N VAL A 137 14.86 -0.27 23.03
CA VAL A 137 13.46 0.14 23.14
C VAL A 137 12.94 0.53 21.76
N VAL A 138 11.65 0.26 21.54
CA VAL A 138 10.94 0.75 20.36
C VAL A 138 10.71 2.25 20.56
N ARG A 139 11.38 3.06 19.75
CA ARG A 139 11.44 4.50 19.95
C ARG A 139 10.12 5.21 19.63
N TYR A 140 9.56 4.91 18.47
CA TYR A 140 8.39 5.62 17.96
C TYR A 140 7.13 4.79 18.16
N LEU A 141 6.60 4.87 19.38
CA LEU A 141 5.45 4.09 19.80
C LEU A 141 4.13 4.57 19.21
N LYS A 142 3.12 3.73 19.34
CA LYS A 142 1.77 4.01 18.86
C LYS A 142 1.15 5.15 19.65
N GLY A 143 0.62 6.13 18.93
CA GLY A 143 -0.03 7.29 19.53
C GLY A 143 0.89 8.21 20.30
N LYS A 144 2.14 8.33 19.85
CA LYS A 144 3.14 9.21 20.48
C LYS A 144 3.83 10.12 19.46
N GLU A 145 3.16 10.38 18.34
CA GLU A 145 3.76 11.15 17.24
C GLU A 145 3.94 12.63 17.60
N LYS A 146 3.08 13.17 18.46
CA LYS A 146 3.18 14.57 18.87
C LYS A 146 4.36 14.79 19.81
N GLU A 147 4.71 13.76 20.58
CA GLU A 147 5.83 13.85 21.51
C GLU A 147 7.15 13.58 20.79
N THR A 148 7.24 12.45 20.07
CA THR A 148 8.49 12.05 19.40
C THR A 148 8.74 12.87 18.13
N GLY A 149 7.68 13.21 17.43
CA GLY A 149 7.76 13.94 16.16
C GLY A 149 7.47 13.06 14.96
N TYR A 150 7.51 11.75 15.15
CA TYR A 150 7.35 10.79 14.05
C TYR A 150 6.20 9.85 14.30
N MET A 151 5.61 9.32 13.23
CA MET A 151 4.57 8.31 13.36
C MET A 151 5.15 6.98 13.84
N ALA A 152 4.27 6.06 14.21
CA ALA A 152 4.67 4.80 14.82
C ALA A 152 5.51 3.94 13.88
N GLU A 153 6.55 3.33 14.43
CA GLU A 153 7.50 2.52 13.66
C GLU A 153 7.90 1.31 14.50
N GLU A 154 7.56 0.11 14.04
CA GLU A 154 7.72 -1.11 14.83
C GLU A 154 9.16 -1.60 14.91
N TRP A 155 9.96 -1.29 13.90
CA TRP A 155 11.26 -1.93 13.70
C TRP A 155 12.46 -1.11 14.17
N HIS A 156 12.26 0.19 14.36
CA HIS A 156 13.32 1.10 14.79
C HIS A 156 13.57 0.94 16.28
N LEU A 157 14.73 0.37 16.61
CA LEU A 157 15.12 0.15 18.00
C LEU A 157 16.20 1.14 18.41
N ARG A 158 16.14 1.61 19.66
CA ARG A 158 17.15 2.53 20.20
C ARG A 158 17.80 1.92 21.42
N TYR A 159 19.12 1.75 21.37
CA TYR A 159 19.86 1.20 22.51
C TYR A 159 19.96 2.24 23.63
N VAL A 160 19.39 1.92 24.77
CA VAL A 160 19.52 2.74 25.98
C VAL A 160 20.24 2.00 27.10
N GLY A 161 20.30 0.67 27.01
CA GLY A 161 20.98 -0.15 28.00
C GLY A 161 20.05 -0.56 29.12
N LYS A 162 20.62 -0.60 30.33
CA LYS A 162 19.99 -1.20 31.50
C LYS A 162 18.59 -0.65 31.82
N GLU A 163 18.37 0.63 31.53
CA GLU A 163 17.08 1.27 31.87
C GLU A 163 15.96 0.95 30.86
N ALA A 164 16.27 0.21 29.80
CA ALA A 164 15.27 -0.16 28.79
C ALA A 164 14.01 -0.81 29.39
N LYS A 165 14.17 -1.64 30.41
CA LYS A 165 13.05 -2.34 31.05
C LYS A 165 12.10 -1.36 31.74
N GLU A 166 12.66 -0.43 32.50
CA GLU A 166 11.86 0.59 33.20
C GLU A 166 11.11 1.50 32.23
N ILE A 167 11.76 1.86 31.13
CA ILE A 167 11.20 2.77 30.14
C ILE A 167 10.03 2.11 29.42
N ALA A 168 10.19 0.82 29.12
CA ALA A 168 9.15 0.04 28.44
C ALA A 168 7.92 -0.15 29.32
N GLU A 169 8.15 -0.40 30.61
CA GLU A 169 7.05 -0.59 31.57
C GLU A 169 6.22 0.68 31.80
N SER A 170 6.81 1.85 31.58
CA SER A 170 6.09 3.10 31.69
C SER A 170 5.11 3.30 30.53
N GLY A 171 5.49 2.79 29.36
CA GLY A 171 4.70 2.99 28.15
C GLY A 171 4.88 4.39 27.58
N LEU A 172 5.97 5.04 27.98
CA LEU A 172 6.24 6.42 27.58
C LEU A 172 7.31 6.49 26.48
N SER A 173 7.38 7.64 25.83
CA SER A 173 8.48 7.96 24.93
C SER A 173 9.64 8.42 25.79
N LEU A 174 10.85 8.41 25.22
CA LEU A 174 12.02 8.93 25.93
C LEU A 174 11.85 10.40 26.28
N GLU A 175 11.16 11.14 25.41
CA GLU A 175 10.84 12.56 25.68
C GLU A 175 10.00 12.70 26.96
N GLU A 176 8.98 11.86 27.11
CA GLU A 176 8.10 11.91 28.28
C GLU A 176 8.79 11.36 29.52
N TYR A 177 9.45 10.20 29.36
CA TYR A 177 10.11 9.50 30.47
C TYR A 177 11.24 10.33 31.08
N TYR A 178 12.16 10.79 30.24
CA TYR A 178 13.28 11.61 30.71
C TYR A 178 12.92 13.08 30.83
N GLY A 179 11.82 13.48 30.21
CA GLY A 179 11.31 14.85 30.35
C GLY A 179 12.11 15.90 29.59
N PHE A 180 12.62 15.56 28.41
CA PHE A 180 13.24 16.53 27.53
C PHE A 180 12.31 16.85 26.35
N GLU A 181 12.60 17.92 25.63
CA GLU A 181 11.70 18.40 24.58
C GLU A 181 11.68 17.49 23.36
N GLY A 182 10.53 17.44 22.71
CA GLY A 182 10.37 16.73 21.44
C GLY A 182 9.63 17.60 20.45
N GLY A 183 8.62 17.04 19.80
CA GLY A 183 7.76 17.80 18.90
C GLY A 183 8.37 18.03 17.53
N ASP A 184 8.16 19.22 16.99
CA ASP A 184 8.53 19.56 15.61
C ASP A 184 9.83 20.39 15.57
N TYR A 185 10.26 20.76 14.37
CA TYR A 185 11.48 21.56 14.17
C TYR A 185 11.32 23.00 14.67
N VAL A 186 12.45 23.72 14.69
CA VAL A 186 12.51 25.13 15.11
C VAL A 186 11.63 25.45 16.32
N SER B 2 17.66 -35.30 -8.06
CA SER B 2 18.81 -34.35 -7.86
C SER B 2 19.05 -33.52 -9.13
N HIS B 3 19.55 -34.18 -10.18
CA HIS B 3 19.80 -33.53 -11.47
C HIS B 3 18.54 -33.58 -12.32
N MET B 4 18.03 -32.40 -12.68
CA MET B 4 16.85 -32.29 -13.54
C MET B 4 17.25 -31.79 -14.91
N GLU B 5 16.42 -32.10 -15.91
CA GLU B 5 16.69 -31.70 -17.29
C GLU B 5 15.88 -30.45 -17.65
N VAL B 6 16.37 -29.69 -18.63
CA VAL B 6 15.67 -28.50 -19.12
C VAL B 6 14.46 -28.91 -19.95
N VAL B 7 13.32 -28.23 -19.71
CA VAL B 7 12.09 -28.52 -20.45
C VAL B 7 11.60 -27.28 -21.21
N ASN B 8 11.12 -27.49 -22.43
CA ASN B 8 10.60 -26.41 -23.26
C ASN B 8 9.12 -26.17 -22.99
N LYS B 9 8.80 -24.99 -22.46
CA LYS B 9 7.43 -24.62 -22.15
C LYS B 9 6.71 -23.97 -23.34
N GLY B 10 7.46 -23.70 -24.41
CA GLY B 10 6.92 -23.11 -25.62
C GLY B 10 7.56 -21.76 -25.88
N ASP B 11 7.15 -20.78 -25.09
CA ASP B 11 7.71 -19.42 -25.17
C ASP B 11 9.15 -19.36 -24.65
N TYR B 12 9.47 -20.25 -23.72
CA TYR B 12 10.77 -20.25 -23.07
C TYR B 12 11.12 -21.63 -22.56
N TYR B 13 12.40 -21.83 -22.28
CA TYR B 13 12.88 -23.02 -21.59
C TYR B 13 12.89 -22.75 -20.10
N SER B 14 12.80 -23.81 -19.30
CA SER B 14 12.89 -23.69 -17.86
C SER B 14 13.37 -24.99 -17.24
N ILE B 15 13.79 -24.90 -15.99
CA ILE B 15 14.28 -26.06 -15.25
C ILE B 15 13.71 -26.02 -13.83
N GLN B 16 13.30 -27.19 -13.34
CA GLN B 16 12.66 -27.29 -12.03
C GLN B 16 13.72 -27.32 -10.92
N GLY B 17 13.77 -26.23 -10.14
CA GLY B 17 14.67 -26.15 -8.99
C GLY B 17 14.08 -26.82 -7.77
N LYS B 18 14.77 -26.71 -6.64
CA LYS B 18 14.30 -27.34 -5.40
C LYS B 18 12.92 -26.85 -4.96
N TYR B 19 12.72 -25.53 -5.04
CA TYR B 19 11.47 -24.92 -4.59
C TYR B 19 10.60 -24.40 -5.73
N ASP B 20 11.21 -23.95 -6.83
CA ASP B 20 10.48 -23.24 -7.86
C ASP B 20 10.96 -23.57 -9.27
N GLU B 21 10.06 -23.41 -10.24
CA GLU B 21 10.43 -23.49 -11.65
C GLU B 21 11.32 -22.29 -11.98
N ILE B 22 12.42 -22.55 -12.68
CA ILE B 22 13.41 -21.52 -13.01
C ILE B 22 13.50 -21.36 -14.51
N ILE B 23 13.11 -20.18 -14.99
CA ILE B 23 13.22 -19.85 -16.41
C ILE B 23 14.70 -19.75 -16.77
N VAL B 24 15.05 -20.31 -17.93
CA VAL B 24 16.41 -20.27 -18.44
C VAL B 24 16.45 -19.50 -19.75
N ALA B 25 17.27 -18.46 -19.78
CA ALA B 25 17.47 -17.65 -20.98
C ALA B 25 18.95 -17.27 -21.09
N ASN B 26 19.61 -17.80 -22.10
CA ASN B 26 21.01 -17.48 -22.38
C ASN B 26 21.31 -17.71 -23.86
N LYS B 27 22.58 -17.68 -24.24
CA LYS B 27 22.95 -17.80 -25.65
C LYS B 27 22.61 -19.15 -26.27
N HIS B 28 22.53 -20.19 -25.44
CA HIS B 28 22.17 -21.53 -25.91
C HIS B 28 20.66 -21.75 -25.88
N TYR B 29 19.99 -21.25 -24.85
CA TYR B 29 18.53 -21.37 -24.72
C TYR B 29 17.85 -20.01 -24.96
N PRO B 30 17.27 -19.82 -26.15
CA PRO B 30 16.64 -18.54 -26.47
C PRO B 30 15.20 -18.43 -25.99
N LEU B 31 14.64 -17.24 -26.18
CA LEU B 31 13.24 -16.95 -25.87
C LEU B 31 12.46 -16.73 -27.17
N SER B 32 11.16 -16.97 -27.10
CA SER B 32 10.25 -16.76 -28.22
C SER B 32 10.03 -15.26 -28.47
N LYS B 33 9.92 -14.89 -29.74
CA LYS B 33 9.61 -13.50 -30.11
C LYS B 33 8.32 -12.98 -29.48
N ASP B 34 7.34 -13.86 -29.33
CA ASP B 34 6.01 -13.45 -28.85
C ASP B 34 5.98 -13.20 -27.32
N TYR B 35 6.91 -13.82 -26.60
CA TYR B 35 6.94 -13.73 -25.14
C TYR B 35 7.48 -12.39 -24.64
N ASN B 36 6.58 -11.52 -24.17
CA ASN B 36 6.93 -10.21 -23.63
C ASN B 36 6.07 -9.87 -22.40
N PRO B 37 6.45 -10.42 -21.23
CA PRO B 37 5.62 -10.41 -20.02
C PRO B 37 5.65 -9.14 -19.17
N GLY B 38 6.44 -8.15 -19.55
CA GLY B 38 6.72 -7.01 -18.67
C GLY B 38 7.51 -7.48 -17.47
N GLU B 39 7.60 -6.66 -16.44
CA GLU B 39 8.40 -7.01 -15.26
C GLU B 39 7.56 -7.86 -14.29
N ASN B 40 8.19 -8.91 -13.76
CA ASN B 40 7.57 -9.78 -12.77
C ASN B 40 7.32 -9.02 -11.47
N PRO B 41 6.06 -8.91 -11.02
CA PRO B 41 5.75 -8.10 -9.83
C PRO B 41 6.38 -8.62 -8.53
N THR B 42 6.47 -9.94 -8.37
CA THR B 42 7.10 -10.55 -7.18
C THR B 42 8.59 -10.20 -7.11
N ALA B 43 9.25 -10.23 -8.27
CA ALA B 43 10.64 -9.82 -8.40
C ALA B 43 10.81 -8.30 -8.23
N LYS B 44 9.88 -7.53 -8.80
CA LYS B 44 9.87 -6.07 -8.71
C LYS B 44 9.77 -5.58 -7.27
N ALA B 45 8.88 -6.18 -6.49
CA ALA B 45 8.69 -5.78 -5.09
C ALA B 45 9.90 -6.14 -4.23
N GLU B 46 10.61 -7.20 -4.58
CA GLU B 46 11.81 -7.59 -3.85
C GLU B 46 13.00 -6.68 -4.17
N LEU B 47 13.09 -6.26 -5.43
CA LEU B 47 14.13 -5.32 -5.86
C LEU B 47 14.00 -4.01 -5.09
N VAL B 48 12.77 -3.52 -4.94
CA VAL B 48 12.50 -2.27 -4.23
C VAL B 48 13.04 -2.36 -2.79
N LYS B 49 12.77 -3.48 -2.13
CA LYS B 49 13.27 -3.71 -0.77
C LYS B 49 14.80 -3.75 -0.74
N LEU B 50 15.41 -4.27 -1.80
CA LEU B 50 16.87 -4.31 -1.93
C LEU B 50 17.47 -2.92 -2.15
N ILE B 51 16.84 -2.14 -3.02
CA ILE B 51 17.32 -0.78 -3.32
C ILE B 51 17.24 0.12 -2.08
N LYS B 52 16.15 0.03 -1.34
CA LYS B 52 15.98 0.78 -0.10
C LYS B 52 17.02 0.40 0.94
N ALA B 53 17.44 -0.87 0.94
CA ALA B 53 18.46 -1.36 1.85
C ALA B 53 19.84 -0.81 1.50
N MET B 54 20.19 -0.86 0.22
CA MET B 54 21.49 -0.35 -0.25
C MET B 54 21.63 1.14 0.03
N GLN B 55 20.55 1.89 -0.18
CA GLN B 55 20.54 3.33 0.04
C GLN B 55 20.73 3.68 1.51
N GLU B 56 20.13 2.87 2.38
CA GLU B 56 20.27 3.03 3.82
C GLU B 56 21.65 2.60 4.35
N ALA B 57 22.42 1.88 3.55
CA ALA B 57 23.78 1.48 3.89
C ALA B 57 24.85 2.46 3.38
N GLY B 58 24.41 3.60 2.82
CA GLY B 58 25.34 4.65 2.38
C GLY B 58 25.65 4.67 0.89
N PHE B 59 25.20 3.67 0.15
CA PHE B 59 25.53 3.54 -1.27
C PHE B 59 24.72 4.50 -2.14
N PRO B 60 25.35 5.07 -3.19
CA PRO B 60 24.67 5.96 -4.12
C PRO B 60 23.87 5.17 -5.17
N ILE B 61 22.96 4.33 -4.69
CA ILE B 61 22.12 3.52 -5.56
C ILE B 61 20.89 4.33 -5.91
N SER B 62 20.49 4.27 -7.17
CA SER B 62 19.43 5.11 -7.69
C SER B 62 18.04 4.51 -7.46
N ASP B 63 17.04 5.41 -7.47
CA ASP B 63 15.63 5.04 -7.53
C ASP B 63 15.31 4.16 -8.75
N HIS B 64 15.96 4.45 -9.87
CA HIS B 64 15.63 3.85 -11.15
C HIS B 64 16.62 2.77 -11.56
N TYR B 65 16.21 1.93 -12.50
CA TYR B 65 16.91 0.69 -12.84
C TYR B 65 16.60 0.25 -14.28
N SER B 66 17.51 -0.51 -14.88
CA SER B 66 17.29 -1.12 -16.17
C SER B 66 16.71 -2.52 -15.98
N GLY B 67 15.40 -2.64 -16.15
CA GLY B 67 14.68 -3.87 -15.83
C GLY B 67 14.27 -4.65 -17.07
N PHE B 68 13.05 -4.41 -17.53
CA PHE B 68 12.48 -5.15 -18.66
C PHE B 68 12.88 -4.54 -19.99
N ARG B 69 13.20 -5.39 -20.97
CA ARG B 69 13.42 -4.96 -22.36
C ARG B 69 12.85 -6.01 -23.32
N SER B 70 11.89 -5.59 -24.15
CA SER B 70 11.23 -6.51 -25.09
C SER B 70 12.16 -6.91 -26.24
N TYR B 71 11.75 -7.94 -26.99
CA TYR B 71 12.50 -8.42 -28.16
C TYR B 71 12.77 -7.30 -29.16
N GLU B 72 11.79 -6.43 -29.35
CA GLU B 72 11.89 -5.32 -30.30
C GLU B 72 12.86 -4.26 -29.76
N THR B 73 12.79 -4.03 -28.45
CA THR B 73 13.69 -3.10 -27.77
C THR B 73 15.13 -3.58 -27.84
N GLN B 74 15.32 -4.87 -27.56
CA GLN B 74 16.66 -5.47 -27.56
C GLN B 74 17.28 -5.37 -28.96
N THR B 75 16.48 -5.59 -29.98
CA THR B 75 16.94 -5.48 -31.37
C THR B 75 17.58 -4.11 -31.62
N LYS B 76 16.96 -3.07 -31.09
CA LYS B 76 17.45 -1.69 -31.25
C LYS B 76 18.69 -1.42 -30.38
N LEU B 77 18.73 -2.00 -29.18
CA LEU B 77 19.84 -1.80 -28.25
C LEU B 77 21.10 -2.56 -28.66
N TYR B 78 20.92 -3.79 -29.11
CA TYR B 78 22.05 -4.61 -29.59
C TYR B 78 22.70 -3.99 -30.82
N GLN B 79 21.88 -3.40 -31.70
CA GLN B 79 22.37 -2.76 -32.91
C GLN B 79 23.19 -1.50 -32.60
N ASP B 80 22.84 -0.81 -31.53
CA ASP B 80 23.59 0.37 -31.06
C ASP B 80 24.97 -0.05 -30.57
N TYR B 81 25.02 -1.09 -29.75
CA TYR B 81 26.28 -1.62 -29.23
C TYR B 81 27.18 -2.14 -30.36
N VAL B 82 26.59 -2.93 -31.26
CA VAL B 82 27.31 -3.42 -32.45
C VAL B 82 27.98 -2.27 -33.20
N ASN B 83 27.20 -1.20 -33.45
CA ASN B 83 27.71 -0.03 -34.15
C ASN B 83 28.92 0.60 -33.47
N GLN B 84 28.91 0.61 -32.13
CA GLN B 84 29.96 1.28 -31.36
C GLN B 84 31.22 0.45 -31.21
N ASP B 85 31.07 -0.80 -30.77
CA ASP B 85 32.24 -1.66 -30.47
C ASP B 85 32.47 -2.83 -31.43
N GLY B 86 31.52 -3.11 -32.32
CA GLY B 86 31.63 -4.24 -33.24
C GLY B 86 30.95 -5.49 -32.71
N LYS B 87 30.57 -6.39 -33.63
CA LYS B 87 29.77 -7.58 -33.29
C LYS B 87 30.42 -8.47 -32.24
N GLU B 88 31.70 -8.77 -32.42
CA GLU B 88 32.43 -9.65 -31.50
C GLU B 88 32.55 -9.09 -30.08
N ALA B 89 32.86 -7.79 -29.97
CA ALA B 89 33.05 -7.14 -28.67
C ALA B 89 31.72 -6.87 -27.96
N ALA B 90 30.72 -6.47 -28.73
CA ALA B 90 29.38 -6.23 -28.21
C ALA B 90 28.73 -7.51 -27.67
N ASP B 91 29.05 -8.65 -28.28
CA ASP B 91 28.54 -9.94 -27.82
C ASP B 91 29.05 -10.34 -26.44
N ARG B 92 30.16 -9.75 -25.99
CA ARG B 92 30.73 -10.08 -24.69
C ARG B 92 29.93 -9.53 -23.51
N TYR B 93 29.33 -8.35 -23.68
CA TYR B 93 28.56 -7.71 -22.62
C TYR B 93 27.06 -7.55 -22.91
N SER B 94 26.67 -7.69 -24.18
CA SER B 94 25.27 -7.54 -24.60
C SER B 94 24.79 -8.77 -25.36
N ALA B 95 23.50 -9.08 -25.21
CA ALA B 95 22.88 -10.25 -25.84
C ALA B 95 22.16 -9.87 -27.14
N ARG B 96 21.96 -10.87 -28.00
CA ARG B 96 21.19 -10.69 -29.23
C ARG B 96 19.70 -10.72 -28.93
N PRO B 97 18.88 -10.12 -29.82
CA PRO B 97 17.44 -10.11 -29.58
C PRO B 97 16.87 -11.53 -29.51
N GLY B 98 16.14 -11.83 -28.44
CA GLY B 98 15.57 -13.15 -28.20
C GLY B 98 16.32 -13.98 -27.17
N TYR B 99 17.50 -13.50 -26.76
CA TYR B 99 18.36 -14.22 -25.82
C TYR B 99 18.55 -13.54 -24.45
N SER B 100 18.29 -12.24 -24.35
CA SER B 100 18.60 -11.50 -23.14
C SER B 100 17.73 -11.90 -21.95
N GLU B 101 18.28 -11.73 -20.75
CA GLU B 101 17.57 -12.09 -19.52
C GLU B 101 16.57 -11.00 -19.13
N HIS B 102 16.78 -9.78 -19.64
CA HIS B 102 15.87 -8.67 -19.40
C HIS B 102 14.48 -8.90 -20.01
N GLN B 103 14.40 -9.73 -21.04
CA GLN B 103 13.12 -10.04 -21.69
C GLN B 103 12.20 -10.91 -20.83
N THR B 104 12.78 -11.65 -19.88
CA THR B 104 12.00 -12.50 -18.98
C THR B 104 11.18 -11.68 -17.97
N GLY B 105 11.70 -10.52 -17.60
CA GLY B 105 11.09 -9.70 -16.55
C GLY B 105 11.58 -10.08 -15.16
N LEU B 106 12.63 -10.89 -15.10
CA LEU B 106 13.21 -11.32 -13.82
C LEU B 106 14.64 -10.80 -13.61
N ALA B 107 15.20 -10.10 -14.60
CA ALA B 107 16.55 -9.56 -14.52
C ALA B 107 16.52 -8.03 -14.49
N PHE B 108 17.22 -7.45 -13.54
CA PHE B 108 17.30 -5.99 -13.37
C PHE B 108 18.74 -5.56 -13.17
N ASP B 109 19.12 -4.46 -13.80
CA ASP B 109 20.43 -3.84 -13.58
C ASP B 109 20.27 -2.66 -12.63
N VAL B 110 20.96 -2.73 -11.50
CA VAL B 110 21.05 -1.62 -10.55
C VAL B 110 21.86 -0.47 -11.15
N ILE B 111 21.54 0.76 -10.77
CA ILE B 111 22.20 1.96 -11.30
C ILE B 111 22.77 2.82 -10.18
N GLY B 112 24.10 2.97 -10.19
CA GLY B 112 24.79 3.84 -9.24
C GLY B 112 24.97 5.25 -9.79
N THR B 113 25.54 6.14 -8.99
CA THR B 113 25.82 7.51 -9.44
C THR B 113 26.86 8.23 -8.56
N ASP B 114 27.87 7.48 -8.12
CA ASP B 114 28.94 8.02 -7.25
C ASP B 114 28.38 8.66 -5.97
N ASP B 116 33.33 7.13 -8.28
CA ASP B 116 34.00 6.67 -7.08
C ASP B 116 34.16 5.14 -7.10
N LEU B 117 35.40 4.67 -6.98
CA LEU B 117 35.68 3.23 -7.03
C LEU B 117 35.46 2.54 -5.68
N VAL B 118 35.99 3.12 -4.61
CA VAL B 118 35.87 2.51 -3.27
C VAL B 118 34.40 2.27 -2.87
N THR B 119 33.53 3.19 -3.26
CA THR B 119 32.09 3.04 -3.01
C THR B 119 31.48 1.99 -3.95
N GLU B 120 31.93 1.97 -5.21
CA GLU B 120 31.44 1.00 -6.19
C GLU B 120 31.75 -0.45 -5.78
N GLU B 121 33.00 -0.71 -5.42
CA GLU B 121 33.43 -2.07 -5.07
C GLU B 121 32.67 -2.57 -3.84
N LYS B 122 32.45 -1.68 -2.88
CA LYS B 122 31.68 -2.01 -1.67
C LYS B 122 30.25 -2.44 -2.01
N ALA B 123 29.62 -1.72 -2.95
CA ALA B 123 28.26 -2.03 -3.39
C ALA B 123 28.22 -3.38 -4.12
N ALA B 124 29.15 -3.58 -5.05
CA ALA B 124 29.26 -4.83 -5.78
C ALA B 124 29.41 -6.03 -4.84
N GLN B 125 30.21 -5.85 -3.80
CA GLN B 125 30.43 -6.89 -2.79
C GLN B 125 29.22 -7.05 -1.87
N TRP B 126 28.55 -5.95 -1.56
CA TRP B 126 27.31 -5.99 -0.76
C TRP B 126 26.25 -6.84 -1.46
N LEU B 127 26.17 -6.70 -2.78
CA LEU B 127 25.26 -7.51 -3.58
C LEU B 127 25.60 -8.99 -3.44
N LEU B 128 26.87 -9.33 -3.69
CA LEU B 128 27.33 -10.71 -3.54
C LEU B 128 26.96 -11.32 -2.19
N ASP B 129 27.06 -10.51 -1.14
CA ASP B 129 26.78 -10.97 0.23
C ASP B 129 25.30 -10.95 0.58
N HIS B 130 24.56 -9.95 0.09
CA HIS B 130 23.18 -9.74 0.54
C HIS B 130 22.07 -9.85 -0.53
N ALA B 131 22.43 -10.06 -1.80
CA ALA B 131 21.42 -10.15 -2.86
C ALA B 131 20.47 -11.34 -2.66
N ALA B 132 20.99 -12.42 -2.09
CA ALA B 132 20.18 -13.62 -1.83
C ALA B 132 19.06 -13.33 -0.86
N ASP B 133 19.34 -12.51 0.16
CA ASP B 133 18.31 -12.11 1.14
C ASP B 133 17.00 -11.75 0.44
N TYR B 134 17.10 -11.13 -0.74
CA TYR B 134 15.94 -10.68 -1.53
C TYR B 134 15.63 -11.56 -2.74
N GLY B 135 16.15 -12.78 -2.75
CA GLY B 135 15.89 -13.74 -3.81
C GLY B 135 16.51 -13.44 -5.16
N PHE B 136 17.57 -12.64 -5.17
CA PHE B 136 18.31 -12.33 -6.40
C PHE B 136 19.69 -12.96 -6.34
N VAL B 137 20.30 -13.11 -7.51
CA VAL B 137 21.69 -13.58 -7.63
C VAL B 137 22.45 -12.75 -8.66
N VAL B 138 23.72 -12.47 -8.37
CA VAL B 138 24.60 -11.80 -9.33
C VAL B 138 24.90 -12.84 -10.43
N ARG B 139 24.25 -12.67 -11.57
CA ARG B 139 24.27 -13.65 -12.64
C ARG B 139 25.67 -13.87 -13.20
N TYR B 140 26.28 -12.78 -13.68
CA TYR B 140 27.52 -12.86 -14.44
C TYR B 140 28.74 -12.60 -13.55
N LEU B 141 29.13 -13.66 -12.85
CA LEU B 141 30.21 -13.62 -11.86
C LEU B 141 31.60 -13.66 -12.48
N LYS B 142 32.56 -13.06 -11.79
CA LYS B 142 33.95 -13.06 -12.22
C LYS B 142 34.48 -14.49 -12.32
N GLY B 143 34.85 -14.89 -13.54
CA GLY B 143 35.42 -16.21 -13.79
C GLY B 143 35.95 -16.35 -15.21
N GLU B 147 31.08 -20.39 -19.19
CA GLU B 147 29.84 -20.95 -18.64
C GLU B 147 28.63 -20.06 -18.91
N THR B 148 28.66 -18.85 -18.40
CA THR B 148 27.52 -17.92 -18.50
C THR B 148 27.32 -17.41 -19.92
N GLY B 149 28.43 -17.04 -20.57
CA GLY B 149 28.42 -16.52 -21.93
C GLY B 149 28.91 -15.09 -22.02
N TYR B 150 28.78 -14.34 -20.92
CA TYR B 150 29.12 -12.92 -20.89
C TYR B 150 30.21 -12.64 -19.87
N MET B 151 30.96 -11.55 -20.10
CA MET B 151 32.01 -11.14 -19.18
C MET B 151 31.40 -10.57 -17.89
N ALA B 152 32.25 -10.36 -16.89
CA ALA B 152 31.79 -9.95 -15.56
C ALA B 152 30.90 -8.71 -15.62
N GLU B 153 29.86 -8.72 -14.78
CA GLU B 153 28.90 -7.61 -14.68
C GLU B 153 28.36 -7.58 -13.25
N GLU B 154 28.73 -6.54 -12.50
CA GLU B 154 28.47 -6.50 -11.05
C GLU B 154 26.99 -6.30 -10.70
N TRP B 155 26.31 -5.45 -11.45
CA TRP B 155 24.98 -4.96 -11.06
C TRP B 155 23.80 -5.69 -11.72
N HIS B 156 24.09 -6.68 -12.56
CA HIS B 156 23.03 -7.47 -13.18
C HIS B 156 22.50 -8.52 -12.21
N LEU B 157 21.36 -8.23 -11.59
CA LEU B 157 20.71 -9.17 -10.68
C LEU B 157 19.59 -9.92 -11.39
N ARG B 158 19.50 -11.22 -11.08
CA ARG B 158 18.48 -12.09 -11.66
C ARG B 158 17.67 -12.73 -10.53
N TYR B 159 16.36 -12.48 -10.54
CA TYR B 159 15.48 -13.05 -9.53
C TYR B 159 15.31 -14.55 -9.78
N VAL B 160 15.65 -15.34 -8.77
CA VAL B 160 15.45 -16.77 -8.76
C VAL B 160 14.49 -17.15 -7.65
N GLY B 161 14.71 -16.55 -6.47
CA GLY B 161 13.78 -16.63 -5.36
C GLY B 161 14.40 -17.26 -4.13
N LYS B 162 13.69 -18.22 -3.56
CA LYS B 162 14.11 -18.91 -2.32
C LYS B 162 15.50 -19.54 -2.43
N GLU B 163 15.79 -20.15 -3.57
CA GLU B 163 17.04 -20.91 -3.74
C GLU B 163 18.28 -20.03 -4.01
N ALA B 164 18.07 -18.72 -4.10
CA ALA B 164 19.19 -17.78 -4.26
C ALA B 164 20.26 -17.92 -3.17
N LYS B 165 19.82 -18.15 -1.94
CA LYS B 165 20.74 -18.32 -0.81
C LYS B 165 21.72 -19.50 -1.00
N GLU B 166 21.23 -20.62 -1.49
CA GLU B 166 22.08 -21.79 -1.73
C GLU B 166 22.99 -21.60 -2.94
N ILE B 167 22.44 -20.98 -3.99
CA ILE B 167 23.20 -20.68 -5.21
C ILE B 167 24.34 -19.71 -4.92
N ALA B 168 24.08 -18.75 -4.03
CA ALA B 168 25.10 -17.78 -3.63
C ALA B 168 26.27 -18.44 -2.90
N GLU B 169 25.95 -19.38 -2.01
CA GLU B 169 26.97 -20.04 -1.18
C GLU B 169 27.86 -20.96 -2.00
N SER B 170 27.35 -21.47 -3.12
CA SER B 170 28.09 -22.39 -3.97
C SER B 170 29.26 -21.70 -4.67
N GLY B 171 29.08 -20.43 -5.03
CA GLY B 171 30.04 -19.70 -5.83
C GLY B 171 29.96 -20.08 -7.30
N LEU B 172 28.88 -20.74 -7.70
CA LEU B 172 28.71 -21.22 -9.07
C LEU B 172 27.75 -20.37 -9.87
N SER B 173 27.83 -20.49 -11.20
CA SER B 173 26.85 -19.91 -12.10
C SER B 173 25.57 -20.76 -12.06
N LEU B 174 24.48 -20.22 -12.60
CA LEU B 174 23.23 -20.98 -12.73
C LEU B 174 23.42 -22.17 -13.66
N GLU B 175 24.27 -21.99 -14.67
CA GLU B 175 24.66 -23.07 -15.57
C GLU B 175 25.29 -24.19 -14.75
N GLU B 176 26.37 -23.87 -14.05
CA GLU B 176 27.09 -24.81 -13.20
C GLU B 176 26.19 -25.42 -12.12
N TYR B 177 25.47 -24.57 -11.40
CA TYR B 177 24.67 -25.00 -10.25
C TYR B 177 23.61 -26.02 -10.64
N TYR B 178 22.80 -25.69 -11.63
CA TYR B 178 21.73 -26.58 -12.09
C TYR B 178 22.19 -27.58 -13.14
N GLY B 179 23.32 -27.31 -13.78
CA GLY B 179 23.88 -28.20 -14.78
C GLY B 179 23.13 -28.12 -16.09
N PHE B 180 23.40 -27.08 -16.87
CA PHE B 180 22.87 -26.98 -18.23
C PHE B 180 23.79 -26.14 -19.13
N GLU B 181 23.61 -26.32 -20.43
CA GLU B 181 24.46 -25.66 -21.43
C GLU B 181 24.34 -24.14 -21.40
N GLY B 182 25.47 -23.47 -21.54
CA GLY B 182 25.52 -22.00 -21.66
C GLY B 182 26.42 -21.64 -22.83
N GLY B 183 27.50 -20.92 -22.55
CA GLY B 183 28.52 -20.64 -23.56
C GLY B 183 28.08 -19.76 -24.71
N ASP B 184 28.66 -20.00 -25.89
CA ASP B 184 28.46 -19.14 -27.06
C ASP B 184 27.21 -19.54 -27.85
N TYR B 185 26.91 -18.78 -28.91
CA TYR B 185 25.77 -19.06 -29.78
C TYR B 185 26.03 -20.29 -30.63
N VAL B 186 24.94 -20.91 -31.11
CA VAL B 186 24.96 -22.16 -31.88
C VAL B 186 26.04 -23.14 -31.41
N GLU C 5 -8.17 -9.57 -17.65
CA GLU C 5 -7.99 -8.33 -18.48
C GLU C 5 -7.05 -7.31 -17.82
N VAL C 6 -7.10 -7.21 -16.48
CA VAL C 6 -6.14 -6.40 -15.72
C VAL C 6 -5.01 -7.28 -15.16
N VAL C 7 -4.00 -6.64 -14.56
CA VAL C 7 -2.87 -7.35 -13.96
C VAL C 7 -2.79 -7.06 -12.45
N ASN C 8 -2.44 -8.08 -11.68
CA ASN C 8 -2.35 -7.98 -10.23
C ASN C 8 -0.91 -7.74 -9.80
N LYS C 9 -0.69 -6.63 -9.09
CA LYS C 9 0.64 -6.25 -8.59
C LYS C 9 0.82 -6.55 -7.09
N GLY C 10 -0.20 -7.13 -6.48
CA GLY C 10 -0.15 -7.51 -5.06
C GLY C 10 -1.03 -6.62 -4.22
N ASP C 11 -0.59 -5.37 -4.06
CA ASP C 11 -1.32 -4.37 -3.28
C ASP C 11 -2.52 -3.77 -4.03
N TYR C 12 -2.54 -3.94 -5.36
CA TYR C 12 -3.57 -3.35 -6.21
C TYR C 12 -3.54 -3.95 -7.61
N TYR C 13 -4.68 -3.89 -8.30
CA TYR C 13 -4.72 -4.23 -9.71
C TYR C 13 -4.45 -2.97 -10.54
N SER C 14 -3.88 -3.16 -11.73
CA SER C 14 -3.63 -2.05 -12.64
C SER C 14 -3.59 -2.52 -14.09
N ILE C 15 -4.08 -1.67 -14.99
CA ILE C 15 -3.96 -1.91 -16.43
C ILE C 15 -2.97 -0.90 -17.00
N GLN C 16 -2.25 -1.31 -18.04
CA GLN C 16 -1.23 -0.45 -18.63
C GLN C 16 -1.86 0.54 -19.59
N GLY C 17 -1.89 1.81 -19.20
CA GLY C 17 -2.43 2.88 -20.03
C GLY C 17 -1.47 3.28 -21.12
N LYS C 18 -1.84 4.32 -21.87
CA LYS C 18 -1.06 4.77 -23.01
C LYS C 18 0.30 5.33 -22.59
N TYR C 19 0.31 6.27 -21.64
CA TYR C 19 1.54 6.90 -21.15
C TYR C 19 1.92 6.49 -19.72
N ASP C 20 1.07 5.72 -19.04
CA ASP C 20 1.24 5.45 -17.61
C ASP C 20 0.51 4.19 -17.16
N GLU C 21 0.92 3.69 -16.00
CA GLU C 21 0.27 2.55 -15.34
C GLU C 21 -0.97 3.04 -14.61
N ILE C 22 -2.14 2.59 -15.05
CA ILE C 22 -3.40 3.04 -14.46
C ILE C 22 -3.86 2.05 -13.41
N ILE C 23 -3.77 2.45 -12.14
CA ILE C 23 -4.28 1.65 -11.03
C ILE C 23 -5.80 1.57 -11.11
N VAL C 24 -6.31 0.34 -10.99
CA VAL C 24 -7.72 0.06 -11.02
C VAL C 24 -8.19 -0.25 -9.60
N ALA C 25 -9.02 0.64 -9.06
CA ALA C 25 -9.67 0.42 -7.77
C ALA C 25 -11.15 0.72 -7.92
N ASN C 26 -11.97 -0.33 -7.79
CA ASN C 26 -13.43 -0.20 -7.91
C ASN C 26 -14.15 -1.36 -7.21
N LYS C 27 -15.47 -1.45 -7.40
CA LYS C 27 -16.29 -2.47 -6.72
C LYS C 27 -15.94 -3.90 -7.12
N HIS C 28 -15.40 -4.09 -8.32
CA HIS C 28 -14.97 -5.41 -8.77
C HIS C 28 -13.50 -5.71 -8.43
N TYR C 29 -12.66 -4.67 -8.49
CA TYR C 29 -11.23 -4.80 -8.22
C TYR C 29 -10.86 -4.07 -6.92
N PRO C 30 -10.86 -4.78 -5.78
CA PRO C 30 -10.54 -4.13 -4.50
C PRO C 30 -9.06 -3.81 -4.34
N LEU C 31 -8.72 -3.20 -3.22
CA LEU C 31 -7.34 -2.90 -2.86
C LEU C 31 -6.95 -3.68 -1.60
N SER C 32 -5.64 -3.87 -1.42
CA SER C 32 -5.13 -4.62 -0.28
C SER C 32 -5.41 -3.88 1.03
N LYS C 33 -5.60 -4.66 2.10
CA LYS C 33 -5.81 -4.11 3.45
C LYS C 33 -4.62 -3.27 3.90
N ASP C 34 -3.42 -3.72 3.55
CA ASP C 34 -2.18 -3.07 3.95
C ASP C 34 -1.81 -1.86 3.10
N TYR C 35 -2.37 -1.77 1.89
CA TYR C 35 -2.06 -0.65 0.98
C TYR C 35 -2.69 0.66 1.41
N ASN C 36 -1.86 1.54 1.97
CA ASN C 36 -2.27 2.87 2.40
C ASN C 36 -1.15 3.86 2.11
N PRO C 37 -0.90 4.15 0.83
CA PRO C 37 0.28 4.90 0.37
C PRO C 37 0.26 6.41 0.62
N GLY C 38 -0.89 6.95 1.01
CA GLY C 38 -1.05 8.40 1.18
C GLY C 38 -1.37 9.06 -0.15
N GLU C 39 -1.65 10.36 -0.11
CA GLU C 39 -2.04 11.08 -1.32
C GLU C 39 -0.82 11.35 -2.22
N ASN C 40 -1.01 11.09 -3.53
CA ASN C 40 0.06 11.22 -4.53
C ASN C 40 0.48 12.68 -4.68
N PRO C 41 1.78 12.96 -4.52
CA PRO C 41 2.26 14.36 -4.52
C PRO C 41 2.08 15.09 -5.85
N THR C 42 2.20 14.39 -6.97
CA THR C 42 1.97 14.98 -8.28
C THR C 42 0.49 15.32 -8.47
N ALA C 43 -0.38 14.36 -8.17
CA ALA C 43 -1.82 14.57 -8.23
C ALA C 43 -2.24 15.71 -7.28
N LYS C 44 -1.71 15.66 -6.06
CA LYS C 44 -1.90 16.73 -5.08
C LYS C 44 -1.49 18.08 -5.67
N ALA C 45 -0.24 18.17 -6.14
CA ALA C 45 0.29 19.41 -6.74
C ALA C 45 -0.60 19.99 -7.84
N GLU C 46 -1.21 19.13 -8.64
CA GLU C 46 -2.11 19.55 -9.72
C GLU C 46 -3.49 19.98 -9.22
N LEU C 47 -3.91 19.44 -8.07
CA LEU C 47 -5.16 19.86 -7.43
C LEU C 47 -5.04 21.27 -6.83
N VAL C 48 -3.85 21.62 -6.36
CA VAL C 48 -3.58 22.97 -5.87
C VAL C 48 -3.64 23.97 -7.04
N LYS C 49 -3.17 23.56 -8.21
CA LYS C 49 -3.30 24.36 -9.42
C LYS C 49 -4.76 24.46 -9.87
N LEU C 50 -5.46 23.33 -9.86
CA LEU C 50 -6.85 23.27 -10.32
C LEU C 50 -7.78 24.11 -9.45
N ILE C 51 -7.64 23.99 -8.14
CA ILE C 51 -8.48 24.73 -7.20
C ILE C 51 -8.29 26.24 -7.34
N LYS C 52 -7.04 26.68 -7.31
CA LYS C 52 -6.69 28.09 -7.54
C LYS C 52 -7.36 28.68 -8.78
N ALA C 53 -7.40 27.90 -9.85
CA ALA C 53 -8.02 28.33 -11.11
C ALA C 53 -9.54 28.51 -10.96
N MET C 54 -10.18 27.58 -10.26
CA MET C 54 -11.63 27.66 -10.03
C MET C 54 -12.02 28.85 -9.14
N GLN C 55 -11.20 29.14 -8.15
CA GLN C 55 -11.43 30.28 -7.24
C GLN C 55 -11.27 31.62 -7.94
N GLU C 56 -10.25 31.73 -8.80
CA GLU C 56 -10.07 32.91 -9.66
C GLU C 56 -11.18 33.02 -10.70
N ALA C 57 -11.76 31.89 -11.10
CA ALA C 57 -12.90 31.86 -12.01
C ALA C 57 -14.24 32.26 -11.36
N GLY C 58 -14.20 32.60 -10.07
CA GLY C 58 -15.38 33.10 -9.35
C GLY C 58 -16.16 32.05 -8.59
N PHE C 59 -15.78 30.79 -8.72
CA PHE C 59 -16.53 29.69 -8.13
C PHE C 59 -16.30 29.53 -6.64
N PRO C 60 -17.31 29.03 -5.90
CA PRO C 60 -17.21 28.83 -4.46
C PRO C 60 -16.55 27.51 -4.10
N ILE C 61 -15.24 27.44 -4.32
CA ILE C 61 -14.47 26.23 -4.08
C ILE C 61 -13.57 26.45 -2.87
N SER C 62 -13.70 25.55 -1.89
CA SER C 62 -12.89 25.63 -0.69
C SER C 62 -11.45 25.24 -0.99
N ASP C 63 -10.53 25.86 -0.26
CA ASP C 63 -9.11 25.50 -0.33
C ASP C 63 -8.86 24.10 0.26
N HIS C 64 -9.83 23.58 1.01
CA HIS C 64 -9.77 22.22 1.55
C HIS C 64 -10.45 21.22 0.63
N TYR C 65 -10.16 19.94 0.84
CA TYR C 65 -10.65 18.85 -0.03
C TYR C 65 -10.74 17.52 0.72
N SER C 66 -11.34 16.51 0.08
CA SER C 66 -11.37 15.14 0.63
C SER C 66 -10.35 14.27 -0.10
N GLY C 67 -9.12 14.27 0.40
CA GLY C 67 -8.02 13.57 -0.25
C GLY C 67 -7.97 12.09 0.08
N PHE C 68 -6.86 11.67 0.67
CA PHE C 68 -6.60 10.25 0.97
C PHE C 68 -7.43 9.76 2.16
N ARG C 69 -8.05 8.60 1.99
CA ARG C 69 -8.79 7.93 3.07
C ARG C 69 -8.41 6.45 3.14
N SER C 70 -7.86 6.03 4.28
CA SER C 70 -7.33 4.68 4.45
C SER C 70 -8.42 3.60 4.52
N TYR C 71 -7.99 2.35 4.54
CA TYR C 71 -8.88 1.21 4.78
C TYR C 71 -9.55 1.35 6.14
N GLU C 72 -8.80 1.85 7.12
CA GLU C 72 -9.28 2.00 8.50
C GLU C 72 -10.42 3.01 8.59
N THR C 73 -10.21 4.20 8.02
CA THR C 73 -11.22 5.25 8.02
C THR C 73 -12.45 4.87 7.20
N GLN C 74 -12.25 4.15 6.10
CA GLN C 74 -13.35 3.73 5.23
C GLN C 74 -14.30 2.76 5.94
N THR C 75 -13.73 1.89 6.77
CA THR C 75 -14.51 0.95 7.58
C THR C 75 -15.42 1.68 8.55
N LYS C 76 -14.89 2.74 9.19
CA LYS C 76 -15.69 3.60 10.07
C LYS C 76 -16.83 4.27 9.30
N LEU C 77 -16.55 4.69 8.07
CA LEU C 77 -17.55 5.30 7.19
C LEU C 77 -18.34 4.24 6.40
N TYR C 78 -18.75 3.16 7.08
CA TYR C 78 -19.56 2.11 6.47
C TYR C 78 -20.14 1.17 7.54
N SER C 94 -19.76 4.74 2.37
CA SER C 94 -20.51 4.67 1.12
C SER C 94 -19.91 3.64 0.17
N ALA C 95 -18.58 3.70 0.00
CA ALA C 95 -17.83 2.64 -0.67
C ALA C 95 -17.27 1.71 0.39
N ARG C 96 -17.41 0.40 0.19
CA ARG C 96 -16.95 -0.58 1.16
C ARG C 96 -15.44 -0.47 1.37
N PRO C 97 -14.95 -0.83 2.57
CA PRO C 97 -13.50 -0.76 2.84
C PRO C 97 -12.71 -1.62 1.87
N GLY C 98 -11.75 -1.00 1.17
CA GLY C 98 -10.96 -1.69 0.15
C GLY C 98 -11.36 -1.38 -1.28
N TYR C 99 -12.64 -1.04 -1.48
CA TYR C 99 -13.17 -0.81 -2.82
C TYR C 99 -13.31 0.69 -3.18
N SER C 100 -12.76 1.56 -2.34
CA SER C 100 -12.84 3.00 -2.57
C SER C 100 -11.61 3.52 -3.30
N GLU C 101 -11.84 4.48 -4.19
CA GLU C 101 -10.76 5.09 -4.96
C GLU C 101 -9.92 6.05 -4.11
N HIS C 102 -10.50 6.55 -3.00
CA HIS C 102 -9.80 7.44 -2.09
C HIS C 102 -8.65 6.79 -1.34
N GLN C 103 -8.67 5.45 -1.26
CA GLN C 103 -7.56 4.71 -0.66
C GLN C 103 -6.32 4.73 -1.55
N THR C 104 -6.50 4.96 -2.85
CA THR C 104 -5.38 5.02 -3.79
C THR C 104 -4.51 6.25 -3.55
N GLY C 105 -5.14 7.36 -3.19
CA GLY C 105 -4.44 8.64 -3.06
C GLY C 105 -4.35 9.39 -4.38
N LEU C 106 -5.08 8.91 -5.39
CA LEU C 106 -5.22 9.59 -6.67
C LEU C 106 -6.62 10.22 -6.82
N ALA C 107 -7.48 9.98 -5.84
CA ALA C 107 -8.85 10.49 -5.86
C ALA C 107 -9.03 11.60 -4.83
N PHE C 108 -9.54 12.74 -5.28
CA PHE C 108 -9.80 13.89 -4.42
C PHE C 108 -11.19 14.44 -4.73
N ASP C 109 -11.93 14.82 -3.69
CA ASP C 109 -13.22 15.49 -3.86
C ASP C 109 -13.06 16.98 -3.61
N VAL C 110 -13.56 17.78 -4.55
CA VAL C 110 -13.63 19.22 -4.37
C VAL C 110 -14.80 19.52 -3.42
N ILE C 111 -14.62 20.56 -2.59
CA ILE C 111 -15.63 20.95 -1.60
C ILE C 111 -16.20 22.33 -1.93
N GLY C 112 -17.52 22.41 -2.01
CA GLY C 112 -18.23 23.66 -2.27
C GLY C 112 -18.55 24.40 -0.97
N THR C 113 -18.68 25.71 -1.07
CA THR C 113 -18.89 26.57 0.10
C THR C 113 -20.17 27.41 0.06
N ASP C 114 -20.91 27.38 -1.05
CA ASP C 114 -22.01 28.32 -1.27
C ASP C 114 -23.39 27.65 -1.28
N GLY C 115 -23.61 26.75 -2.25
CA GLY C 115 -24.90 26.09 -2.42
C GLY C 115 -25.87 26.81 -3.33
N ASP C 116 -25.35 27.41 -4.41
CA ASP C 116 -26.17 28.07 -5.43
C ASP C 116 -26.23 27.17 -6.66
N LEU C 117 -27.37 26.50 -6.86
CA LEU C 117 -27.54 25.50 -7.93
C LEU C 117 -27.03 25.96 -9.29
N VAL C 118 -27.22 27.24 -9.61
CA VAL C 118 -26.76 27.81 -10.88
C VAL C 118 -25.23 27.89 -10.94
N THR C 119 -24.60 28.35 -9.87
CA THR C 119 -23.15 28.46 -9.82
C THR C 119 -22.49 27.08 -9.70
N GLU C 120 -23.11 26.18 -8.96
CA GLU C 120 -22.58 24.83 -8.77
C GLU C 120 -22.60 24.03 -10.08
N GLU C 121 -23.70 24.09 -10.81
CA GLU C 121 -23.80 23.40 -12.11
C GLU C 121 -22.83 24.00 -13.14
N LYS C 122 -22.57 25.29 -13.03
CA LYS C 122 -21.55 25.95 -13.85
C LYS C 122 -20.15 25.46 -13.46
N ALA C 123 -19.91 25.35 -12.16
CA ALA C 123 -18.65 24.79 -11.63
C ALA C 123 -18.49 23.31 -11.97
N ALA C 124 -19.58 22.56 -12.00
CA ALA C 124 -19.55 21.16 -12.39
C ALA C 124 -19.15 21.01 -13.85
N GLN C 125 -19.65 21.91 -14.71
CA GLN C 125 -19.27 21.94 -16.12
C GLN C 125 -17.81 22.32 -16.32
N TRP C 126 -17.30 23.21 -15.46
CA TRP C 126 -15.90 23.60 -15.50
C TRP C 126 -14.95 22.41 -15.36
N LEU C 127 -15.30 21.47 -14.48
CA LEU C 127 -14.49 20.28 -14.26
C LEU C 127 -14.52 19.34 -15.47
N LEU C 128 -15.70 19.13 -16.05
CA LEU C 128 -15.81 18.34 -17.28
C LEU C 128 -14.97 18.95 -18.41
N ASP C 129 -14.90 20.28 -18.46
CA ASP C 129 -14.19 20.99 -19.51
C ASP C 129 -12.68 21.03 -19.30
N HIS C 130 -12.26 21.45 -18.11
CA HIS C 130 -10.86 21.82 -17.91
C HIS C 130 -10.04 20.93 -16.96
N ALA C 131 -10.68 19.97 -16.28
CA ALA C 131 -9.95 19.09 -15.35
C ALA C 131 -8.86 18.27 -16.04
N ALA C 132 -9.09 17.95 -17.32
CA ALA C 132 -8.12 17.25 -18.15
C ALA C 132 -6.78 17.98 -18.26
N ASP C 133 -6.81 19.32 -18.19
CA ASP C 133 -5.60 20.14 -18.23
C ASP C 133 -4.71 19.94 -16.98
N TYR C 134 -5.33 19.55 -15.87
CA TYR C 134 -4.63 19.28 -14.62
C TYR C 134 -4.40 17.79 -14.39
N GLY C 135 -4.72 16.97 -15.40
CA GLY C 135 -4.50 15.53 -15.35
C GLY C 135 -5.62 14.74 -14.69
N PHE C 136 -6.81 15.36 -14.60
CA PHE C 136 -7.93 14.79 -13.86
C PHE C 136 -9.12 14.47 -14.74
N VAL C 137 -9.96 13.55 -14.27
CA VAL C 137 -11.24 13.26 -14.90
C VAL C 137 -12.35 13.21 -13.87
N VAL C 138 -13.57 13.53 -14.31
CA VAL C 138 -14.78 13.27 -13.53
C VAL C 138 -15.02 11.76 -13.63
N ARG C 139 -14.68 11.04 -12.56
CA ARG C 139 -14.71 9.58 -12.55
C ARG C 139 -16.12 9.04 -12.75
N TYR C 140 -17.03 9.47 -11.90
CA TYR C 140 -18.42 9.01 -11.89
C TYR C 140 -19.29 9.99 -12.65
N LEU C 141 -19.37 9.80 -13.96
CA LEU C 141 -20.09 10.70 -14.86
C LEU C 141 -21.60 10.53 -14.74
N LYS C 142 -22.33 11.49 -15.30
CA LYS C 142 -23.79 11.42 -15.36
C LYS C 142 -24.21 10.29 -16.29
N GLY C 143 -25.04 9.39 -15.76
CA GLY C 143 -25.56 8.27 -16.54
C GLY C 143 -24.50 7.24 -16.90
N LYS C 144 -23.63 6.93 -15.95
CA LYS C 144 -22.62 5.87 -16.10
C LYS C 144 -22.60 4.97 -14.86
N GLU C 145 -23.74 4.86 -14.20
CA GLU C 145 -23.87 4.12 -12.94
C GLU C 145 -23.63 2.63 -13.11
N LYS C 146 -24.06 2.09 -14.26
CA LYS C 146 -23.99 0.64 -14.50
C LYS C 146 -22.57 0.14 -14.76
N GLU C 147 -21.71 1.03 -15.26
CA GLU C 147 -20.34 0.67 -15.64
C GLU C 147 -19.34 1.01 -14.54
N THR C 148 -19.40 2.24 -14.04
CA THR C 148 -18.55 2.66 -12.93
C THR C 148 -18.97 1.99 -11.62
N GLY C 149 -20.27 1.78 -11.46
CA GLY C 149 -20.81 1.15 -10.25
C GLY C 149 -21.29 2.13 -9.19
N TYR C 150 -21.05 3.42 -9.41
CA TYR C 150 -21.44 4.46 -8.48
C TYR C 150 -22.43 5.41 -9.15
N MET C 151 -23.40 5.90 -8.39
CA MET C 151 -24.30 6.95 -8.88
C MET C 151 -23.49 8.20 -9.17
N ALA C 152 -23.96 9.00 -10.13
CA ALA C 152 -23.20 10.15 -10.62
C ALA C 152 -22.75 11.09 -9.50
N GLU C 153 -21.56 11.68 -9.67
CA GLU C 153 -20.97 12.55 -8.66
C GLU C 153 -20.22 13.68 -9.38
N GLU C 154 -20.55 14.92 -9.03
CA GLU C 154 -20.05 16.09 -9.78
C GLU C 154 -18.61 16.47 -9.43
N TRP C 155 -18.20 16.23 -8.19
CA TRP C 155 -16.95 16.77 -7.67
C TRP C 155 -15.91 15.72 -7.26
N HIS C 156 -16.13 14.46 -7.61
CA HIS C 156 -15.13 13.42 -7.40
C HIS C 156 -14.17 13.41 -8.58
N LEU C 157 -12.91 13.74 -8.32
CA LEU C 157 -11.89 13.79 -9.38
C LEU C 157 -10.87 12.67 -9.24
N ARG C 158 -10.46 12.10 -10.37
CA ARG C 158 -9.46 11.02 -10.39
C ARG C 158 -8.28 11.41 -11.29
N TYR C 159 -7.08 11.39 -10.72
CA TYR C 159 -5.87 11.71 -11.47
C TYR C 159 -5.44 10.53 -12.33
N VAL C 160 -5.20 10.79 -13.62
CA VAL C 160 -4.73 9.76 -14.56
C VAL C 160 -3.55 10.21 -15.43
N GLY C 161 -3.03 11.41 -15.20
CA GLY C 161 -1.96 11.96 -16.02
C GLY C 161 -2.41 12.47 -17.38
N LYS C 162 -1.48 12.48 -18.33
CA LYS C 162 -1.69 13.11 -19.65
C LYS C 162 -2.86 12.53 -20.47
N GLU C 163 -3.24 11.28 -20.21
CA GLU C 163 -4.29 10.63 -20.99
C GLU C 163 -5.70 11.14 -20.68
N ALA C 164 -5.85 11.96 -19.64
CA ALA C 164 -7.16 12.51 -19.25
C ALA C 164 -7.91 13.20 -20.39
N LYS C 165 -7.18 13.88 -21.28
CA LYS C 165 -7.80 14.65 -22.36
C LYS C 165 -8.55 13.77 -23.37
N GLU C 166 -7.87 12.74 -23.88
CA GLU C 166 -8.50 11.79 -24.79
C GLU C 166 -9.72 11.13 -24.17
N ILE C 167 -9.63 10.82 -22.88
CA ILE C 167 -10.73 10.18 -22.15
C ILE C 167 -11.90 11.14 -22.01
N ALA C 168 -11.58 12.39 -21.70
CA ALA C 168 -12.60 13.45 -21.55
C ALA C 168 -13.35 13.69 -22.87
N GLU C 169 -12.61 13.61 -23.98
CA GLU C 169 -13.22 13.78 -25.31
C GLU C 169 -14.10 12.60 -25.67
N SER C 170 -13.64 11.39 -25.34
CA SER C 170 -14.38 10.17 -25.63
C SER C 170 -15.71 10.11 -24.89
N GLY C 171 -15.79 10.81 -23.75
CA GLY C 171 -17.00 10.83 -22.92
C GLY C 171 -17.25 9.51 -22.22
N LEU C 172 -16.23 8.65 -22.19
CA LEU C 172 -16.35 7.30 -21.66
C LEU C 172 -15.80 7.22 -20.25
N SER C 173 -16.26 6.23 -19.50
CA SER C 173 -15.70 5.90 -18.19
C SER C 173 -14.37 5.18 -18.38
N LEU C 174 -13.62 5.04 -17.29
CA LEU C 174 -12.38 4.27 -17.31
C LEU C 174 -12.64 2.79 -17.60
N GLU C 175 -13.81 2.30 -17.19
CA GLU C 175 -14.21 0.92 -17.45
C GLU C 175 -14.47 0.68 -18.94
N GLU C 176 -15.12 1.64 -19.59
CA GLU C 176 -15.38 1.58 -21.03
C GLU C 176 -14.13 1.87 -21.86
N TYR C 177 -13.41 2.91 -21.46
CA TYR C 177 -12.24 3.40 -22.21
C TYR C 177 -11.12 2.37 -22.28
N TYR C 178 -10.83 1.72 -21.16
CA TYR C 178 -9.80 0.68 -21.08
C TYR C 178 -10.36 -0.74 -21.22
N GLY C 179 -11.63 -0.93 -20.87
CA GLY C 179 -12.34 -2.18 -21.13
C GLY C 179 -12.31 -3.24 -20.04
N PHE C 180 -12.22 -2.82 -18.78
CA PHE C 180 -12.19 -3.77 -17.65
C PHE C 180 -13.49 -3.76 -16.84
N GLU C 181 -13.73 -4.86 -16.13
CA GLU C 181 -14.96 -5.04 -15.34
C GLU C 181 -15.16 -3.91 -14.33
N GLY C 182 -16.43 -3.59 -14.07
CA GLY C 182 -16.81 -2.65 -13.02
C GLY C 182 -18.07 -3.13 -12.35
N GLY C 183 -19.13 -2.31 -12.40
CA GLY C 183 -20.45 -2.71 -11.95
C GLY C 183 -20.61 -2.78 -10.44
N ASP C 184 -21.31 -3.81 -9.96
CA ASP C 184 -21.65 -3.96 -8.55
C ASP C 184 -20.63 -4.86 -7.84
N TYR C 185 -20.93 -5.25 -6.59
CA TYR C 185 -20.03 -6.08 -5.79
C TYR C 185 -20.09 -7.57 -6.17
N VAL C 186 -19.15 -8.35 -5.63
CA VAL C 186 -19.02 -9.80 -5.91
C VAL C 186 -19.29 -10.18 -7.36
N HIS D 3 -20.14 51.03 27.72
CA HIS D 3 -19.65 49.65 28.01
C HIS D 3 -20.71 48.57 27.78
N MET D 4 -21.95 48.84 28.19
CA MET D 4 -23.06 47.88 28.10
C MET D 4 -22.83 46.73 29.08
N GLU D 5 -23.41 46.85 30.27
CA GLU D 5 -23.15 45.91 31.37
C GLU D 5 -24.16 44.77 31.38
N VAL D 6 -23.81 43.72 32.11
CA VAL D 6 -24.64 42.51 32.18
C VAL D 6 -25.94 42.74 32.94
N VAL D 7 -26.86 41.78 32.81
CA VAL D 7 -28.12 41.80 33.54
C VAL D 7 -28.35 40.42 34.15
N ASN D 8 -28.66 40.41 35.45
CA ASN D 8 -28.91 39.18 36.18
C ASN D 8 -30.29 38.62 35.85
N LYS D 9 -30.31 37.41 35.28
CA LYS D 9 -31.57 36.72 34.95
C LYS D 9 -31.96 35.68 36.00
N GLY D 10 -31.23 35.67 37.12
CA GLY D 10 -31.54 34.80 38.26
C GLY D 10 -30.56 33.65 38.35
N ASP D 11 -30.59 32.79 37.33
CA ASP D 11 -29.70 31.63 37.26
C ASP D 11 -28.39 31.93 36.52
N TYR D 12 -28.36 33.05 35.81
CA TYR D 12 -27.19 33.40 35.00
C TYR D 12 -27.25 34.88 34.62
N TYR D 13 -26.10 35.43 34.26
CA TYR D 13 -26.03 36.76 33.66
C TYR D 13 -26.01 36.63 32.14
N SER D 14 -26.50 37.66 31.46
CA SER D 14 -26.44 37.69 29.99
C SER D 14 -26.32 39.11 29.47
N ILE D 15 -25.78 39.24 28.26
CA ILE D 15 -25.79 40.50 27.52
C ILE D 15 -26.65 40.35 26.27
N GLN D 16 -27.34 41.42 25.90
CA GLN D 16 -28.18 41.41 24.72
C GLN D 16 -27.30 41.59 23.50
N GLY D 17 -27.29 40.57 22.65
CA GLY D 17 -26.50 40.60 21.42
C GLY D 17 -27.26 41.26 20.28
N LYS D 18 -26.55 41.42 19.17
CA LYS D 18 -27.12 41.99 17.94
C LYS D 18 -28.38 41.24 17.50
N TYR D 19 -28.33 39.90 17.59
CA TYR D 19 -29.48 39.07 17.21
C TYR D 19 -30.10 38.32 18.40
N ASP D 20 -29.26 37.68 19.22
CA ASP D 20 -29.72 36.83 20.33
C ASP D 20 -29.23 37.31 21.69
N GLU D 21 -29.78 36.70 22.74
CA GLU D 21 -29.33 36.90 24.11
C GLU D 21 -28.12 36.02 24.37
N ILE D 22 -26.99 36.63 24.75
CA ILE D 22 -25.74 35.90 24.94
C ILE D 22 -25.44 35.71 26.43
N ILE D 23 -25.48 34.46 26.89
CA ILE D 23 -25.24 34.13 28.29
C ILE D 23 -23.76 34.29 28.59
N VAL D 24 -23.44 35.01 29.67
CA VAL D 24 -22.08 35.25 30.09
C VAL D 24 -21.71 34.36 31.28
N ALA D 25 -20.64 33.58 31.10
CA ALA D 25 -20.12 32.70 32.15
C ALA D 25 -18.60 32.69 32.11
N ASN D 26 -17.98 33.34 33.10
CA ASN D 26 -16.52 33.37 33.20
C ASN D 26 -16.05 33.54 34.66
N LYS D 27 -14.80 33.92 34.87
CA LYS D 27 -14.23 34.03 36.22
C LYS D 27 -14.80 35.19 37.04
N HIS D 28 -15.35 36.20 36.36
CA HIS D 28 -15.97 37.34 37.03
C HIS D 28 -17.46 37.09 37.25
N TYR D 29 -18.13 36.55 36.22
CA TYR D 29 -19.56 36.25 36.27
C TYR D 29 -19.80 34.74 36.35
N PRO D 30 -20.06 34.20 37.56
CA PRO D 30 -20.41 32.78 37.70
C PRO D 30 -21.86 32.49 37.36
N LEU D 31 -22.13 31.23 37.04
CA LEU D 31 -23.50 30.74 36.90
C LEU D 31 -23.98 30.29 38.27
N SER D 32 -25.29 30.09 38.39
CA SER D 32 -25.90 29.65 39.64
C SER D 32 -25.63 28.17 39.88
N LYS D 33 -25.75 27.76 41.14
CA LYS D 33 -25.54 26.37 41.55
C LYS D 33 -26.62 25.45 40.98
N ASP D 34 -27.86 25.95 40.96
CA ASP D 34 -29.02 25.16 40.53
C ASP D 34 -29.20 25.07 39.01
N TYR D 35 -28.46 25.84 38.24
CA TYR D 35 -28.66 25.92 36.79
C TYR D 35 -28.09 24.71 36.04
N ASN D 36 -28.99 23.79 35.69
CA ASN D 36 -28.66 22.58 34.93
C ASN D 36 -29.57 22.51 33.69
N PRO D 37 -29.32 23.39 32.70
CA PRO D 37 -30.15 23.42 31.50
C PRO D 37 -29.95 22.22 30.58
N GLY D 38 -28.75 21.63 30.66
CA GLY D 38 -28.40 20.48 29.82
C GLY D 38 -27.57 20.93 28.63
N GLU D 39 -27.84 20.30 27.48
CA GLU D 39 -27.11 20.57 26.25
C GLU D 39 -28.05 21.20 25.23
N ASN D 40 -27.71 22.38 24.74
CA ASN D 40 -28.57 23.11 23.81
C ASN D 40 -28.74 22.33 22.50
N PRO D 41 -30.00 22.08 22.09
CA PRO D 41 -30.24 21.26 20.90
C PRO D 41 -29.86 21.96 19.59
N THR D 42 -30.04 23.28 19.51
CA THR D 42 -29.68 24.04 18.31
C THR D 42 -28.17 24.11 18.14
N ALA D 43 -27.46 24.34 19.24
CA ALA D 43 -26.00 24.35 19.23
C ALA D 43 -25.44 22.99 18.86
N LYS D 44 -26.10 21.92 19.34
CA LYS D 44 -25.68 20.55 19.06
C LYS D 44 -25.72 20.25 17.56
N ALA D 45 -26.84 20.56 16.93
CA ALA D 45 -27.03 20.33 15.50
C ALA D 45 -25.97 21.03 14.65
N GLU D 46 -25.64 22.28 15.00
CA GLU D 46 -24.60 23.02 14.30
C GLU D 46 -23.22 22.41 14.49
N LEU D 47 -22.93 21.95 15.71
CA LEU D 47 -21.65 21.31 16.01
C LEU D 47 -21.45 20.04 15.20
N VAL D 48 -22.51 19.26 15.04
CA VAL D 48 -22.49 18.07 14.19
C VAL D 48 -22.05 18.40 12.77
N LYS D 49 -22.66 19.43 12.19
CA LYS D 49 -22.29 19.90 10.85
C LYS D 49 -20.83 20.33 10.77
N LEU D 50 -20.36 21.01 11.82
CA LEU D 50 -18.97 21.45 11.90
C LEU D 50 -18.01 20.26 11.88
N ILE D 51 -18.33 19.23 12.67
CA ILE D 51 -17.49 18.02 12.74
C ILE D 51 -17.46 17.26 11.40
N LYS D 52 -18.63 17.13 10.76
CA LYS D 52 -18.70 16.52 9.43
C LYS D 52 -17.77 17.22 8.42
N ALA D 53 -17.73 18.55 8.49
CA ALA D 53 -16.94 19.35 7.56
C ALA D 53 -15.44 19.16 7.78
N MET D 54 -15.02 19.13 9.03
CA MET D 54 -13.60 18.95 9.37
C MET D 54 -13.09 17.57 8.97
N GLN D 55 -13.92 16.55 9.23
CA GLN D 55 -13.61 15.18 8.82
C GLN D 55 -13.57 15.06 7.29
N GLU D 56 -14.53 15.68 6.61
CA GLU D 56 -14.49 15.80 5.14
C GLU D 56 -13.22 16.47 4.65
N ALA D 57 -12.81 17.55 5.33
CA ALA D 57 -11.57 18.25 5.01
C ALA D 57 -10.32 17.42 5.29
N GLY D 58 -10.49 16.28 5.97
CA GLY D 58 -9.43 15.30 6.16
C GLY D 58 -8.68 15.48 7.46
N PHE D 59 -9.31 16.15 8.44
CA PHE D 59 -8.69 16.40 9.73
C PHE D 59 -9.02 15.30 10.74
N PRO D 60 -8.08 15.02 11.66
CA PRO D 60 -8.28 13.99 12.67
C PRO D 60 -9.13 14.47 13.85
N ILE D 61 -10.44 14.56 13.61
CA ILE D 61 -11.40 15.05 14.60
C ILE D 61 -12.38 13.94 14.95
N SER D 62 -12.58 13.72 16.25
CA SER D 62 -13.49 12.70 16.73
C SER D 62 -14.95 13.17 16.63
N ASP D 63 -15.86 12.20 16.48
CA ASP D 63 -17.31 12.47 16.53
C ASP D 63 -17.76 12.91 17.93
N HIS D 64 -16.95 12.60 18.93
CA HIS D 64 -17.30 12.89 20.31
C HIS D 64 -16.56 14.09 20.86
N TYR D 65 -17.16 14.69 21.89
CA TYR D 65 -16.76 15.99 22.39
C TYR D 65 -17.02 16.13 23.89
N SER D 66 -16.29 17.06 24.51
CA SER D 66 -16.54 17.47 25.89
C SER D 66 -17.47 18.69 25.85
N GLY D 67 -18.76 18.43 26.04
CA GLY D 67 -19.79 19.47 25.98
C GLY D 67 -20.23 19.96 27.34
N PHE D 68 -21.37 19.44 27.82
CA PHE D 68 -21.97 19.90 29.07
C PHE D 68 -21.32 19.26 30.30
N ARG D 69 -21.00 20.11 31.28
CA ARG D 69 -20.48 19.67 32.58
C ARG D 69 -21.22 20.39 33.69
N SER D 70 -21.92 19.64 34.54
CA SER D 70 -22.76 20.22 35.59
C SER D 70 -21.93 20.86 36.71
N TYR D 71 -22.61 21.45 37.69
CA TYR D 71 -21.95 22.11 38.82
C TYR D 71 -21.21 21.10 39.70
N GLU D 72 -21.87 19.97 39.98
CA GLU D 72 -21.27 18.88 40.77
C GLU D 72 -20.02 18.29 40.10
N THR D 73 -20.12 18.06 38.79
CA THR D 73 -18.99 17.53 38.02
C THR D 73 -17.81 18.49 38.08
N GLN D 74 -18.08 19.78 37.89
CA GLN D 74 -17.06 20.81 37.94
C GLN D 74 -16.38 20.88 39.32
N THR D 75 -17.16 20.65 40.38
CA THR D 75 -16.63 20.58 41.74
C THR D 75 -15.69 19.38 41.92
N LYS D 76 -16.09 18.23 41.36
CA LYS D 76 -15.26 17.02 41.36
C LYS D 76 -14.02 17.23 40.50
N LEU D 77 -14.22 17.76 39.30
CA LEU D 77 -13.13 17.97 38.34
C LEU D 77 -12.10 18.96 38.88
N TYR D 78 -12.57 19.98 39.60
CA TYR D 78 -11.68 21.01 40.17
C TYR D 78 -10.85 20.50 41.34
N GLN D 79 -11.44 19.68 42.20
CA GLN D 79 -10.72 19.05 43.31
C GLN D 79 -9.82 17.92 42.79
N ASP D 80 -10.41 17.00 42.05
CA ASP D 80 -9.68 15.82 41.55
C ASP D 80 -8.80 16.20 40.36
N SER D 94 -8.25 24.11 34.45
CA SER D 94 -9.53 23.86 35.10
C SER D 94 -10.07 25.12 35.79
N ALA D 95 -11.38 25.13 36.03
CA ALA D 95 -12.07 26.28 36.64
C ALA D 95 -12.85 25.89 37.89
N ARG D 96 -13.20 26.89 38.70
CA ARG D 96 -13.97 26.66 39.93
C ARG D 96 -15.43 26.41 39.62
N PRO D 97 -16.12 25.59 40.43
CA PRO D 97 -17.53 25.27 40.18
C PRO D 97 -18.42 26.51 40.08
N GLY D 98 -19.12 26.64 38.96
CA GLY D 98 -19.98 27.78 38.70
C GLY D 98 -19.40 28.74 37.68
N TYR D 99 -18.08 28.73 37.53
CA TYR D 99 -17.36 29.72 36.74
C TYR D 99 -16.91 29.22 35.35
N SER D 100 -17.27 27.98 35.03
CA SER D 100 -16.92 27.35 33.74
C SER D 100 -18.02 27.52 32.71
N GLU D 101 -17.62 27.71 31.46
CA GLU D 101 -18.59 27.91 30.36
C GLU D 101 -19.25 26.60 29.92
N HIS D 102 -18.71 25.47 30.35
CA HIS D 102 -19.29 24.16 30.01
C HIS D 102 -20.64 23.92 30.71
N GLN D 103 -20.90 24.64 31.80
CA GLN D 103 -22.20 24.53 32.50
C GLN D 103 -23.34 25.24 31.74
N THR D 104 -23.02 26.00 30.70
CA THR D 104 -24.03 26.72 29.92
C THR D 104 -24.81 25.82 28.97
N GLY D 105 -24.15 24.78 28.46
CA GLY D 105 -24.72 23.95 27.40
C GLY D 105 -24.52 24.58 26.02
N LEU D 106 -23.58 25.53 25.95
CA LEU D 106 -23.25 26.20 24.70
C LEU D 106 -21.74 26.13 24.41
N ALA D 107 -21.01 25.33 25.18
CA ALA D 107 -19.55 25.28 25.10
C ALA D 107 -19.09 23.84 24.90
N PHE D 108 -18.34 23.62 23.81
CA PHE D 108 -17.93 22.29 23.40
C PHE D 108 -16.45 22.29 23.05
N ASP D 109 -15.70 21.36 23.63
CA ASP D 109 -14.32 21.16 23.25
C ASP D 109 -14.27 20.08 22.16
N VAL D 110 -13.58 20.38 21.07
CA VAL D 110 -13.36 19.40 20.00
C VAL D 110 -12.17 18.50 20.36
N ILE D 111 -12.24 17.23 19.95
CA ILE D 111 -11.26 16.20 20.34
C ILE D 111 -10.47 15.67 19.14
N GLY D 112 -9.14 15.64 19.29
CA GLY D 112 -8.23 15.11 18.27
C GLY D 112 -8.17 13.60 18.28
N THR D 113 -7.82 13.01 17.14
CA THR D 113 -7.96 11.56 16.91
C THR D 113 -6.65 10.83 16.60
N ASP D 114 -5.81 11.39 15.73
CA ASP D 114 -4.67 10.66 15.16
C ASP D 114 -3.34 11.07 15.75
N GLY D 115 -2.77 12.17 15.24
CA GLY D 115 -1.44 12.62 15.65
C GLY D 115 -0.62 13.08 14.45
N ASP D 116 -0.12 14.31 14.52
CA ASP D 116 0.66 14.90 13.42
C ASP D 116 1.37 16.21 13.80
N LEU D 117 0.68 17.10 14.52
CA LEU D 117 1.15 18.45 14.89
C LEU D 117 0.97 19.47 13.76
N VAL D 118 1.55 19.21 12.60
CA VAL D 118 1.39 20.11 11.45
C VAL D 118 -0.08 20.15 10.96
N THR D 119 -0.75 19.00 10.94
CA THR D 119 -2.18 18.93 10.62
C THR D 119 -3.03 19.43 11.80
N GLU D 120 -2.58 19.12 13.01
CA GLU D 120 -3.21 19.62 14.24
C GLU D 120 -3.25 21.15 14.25
N GLU D 121 -2.17 21.77 13.82
CA GLU D 121 -2.06 23.23 13.75
C GLU D 121 -3.02 23.77 12.68
N LYS D 122 -3.11 23.07 11.55
CA LYS D 122 -4.03 23.43 10.48
C LYS D 122 -5.50 23.28 10.90
N ALA D 123 -5.79 22.28 11.72
CA ALA D 123 -7.13 22.07 12.26
C ALA D 123 -7.54 23.23 13.18
N ALA D 124 -6.62 23.65 14.04
CA ALA D 124 -6.83 24.82 14.89
C ALA D 124 -7.07 26.07 14.04
N GLN D 125 -6.30 26.19 12.97
CA GLN D 125 -6.44 27.30 12.03
C GLN D 125 -7.75 27.19 11.23
N TRP D 126 -8.23 25.97 11.02
CA TRP D 126 -9.52 25.76 10.37
C TRP D 126 -10.67 26.32 11.21
N LEU D 127 -10.61 26.10 12.52
CA LEU D 127 -11.62 26.60 13.43
C LEU D 127 -11.64 28.13 13.40
N LEU D 128 -10.48 28.76 13.60
CA LEU D 128 -10.37 30.21 13.53
C LEU D 128 -11.00 30.77 12.24
N ASP D 129 -10.79 30.07 11.13
CA ASP D 129 -11.25 30.51 9.82
C ASP D 129 -12.76 30.28 9.58
N HIS D 130 -13.23 29.06 9.84
CA HIS D 130 -14.56 28.64 9.36
C HIS D 130 -15.54 28.17 10.44
N ALA D 131 -15.23 28.43 11.71
CA ALA D 131 -16.14 28.08 12.80
C ALA D 131 -17.41 28.92 12.79
N ALA D 132 -17.28 30.16 12.32
CA ALA D 132 -18.41 31.10 12.28
C ALA D 132 -19.49 30.67 11.30
N ASP D 133 -19.12 29.89 10.28
CA ASP D 133 -20.10 29.31 9.36
C ASP D 133 -21.13 28.41 10.06
N TYR D 134 -20.79 27.94 11.26
CA TYR D 134 -21.69 27.11 12.06
C TYR D 134 -22.04 27.75 13.41
N GLY D 135 -21.88 29.07 13.51
CA GLY D 135 -22.28 29.83 14.69
C GLY D 135 -21.42 29.67 15.95
N PHE D 136 -20.22 29.13 15.79
CA PHE D 136 -19.29 28.99 16.93
C PHE D 136 -18.13 29.96 16.84
N VAL D 137 -17.50 30.21 17.98
CA VAL D 137 -16.25 30.97 18.03
C VAL D 137 -15.24 30.32 18.96
N VAL D 138 -13.96 30.50 18.66
CA VAL D 138 -12.88 30.08 19.53
C VAL D 138 -12.86 31.05 20.71
N ARG D 139 -13.29 30.58 21.87
CA ARG D 139 -13.51 31.45 23.02
C ARG D 139 -12.22 32.06 23.58
N TYR D 140 -11.23 31.20 23.85
CA TYR D 140 -9.96 31.62 24.48
C TYR D 140 -8.83 31.73 23.45
N LEU D 141 -8.62 32.95 22.94
CA LEU D 141 -7.70 33.18 21.84
C LEU D 141 -6.27 33.42 22.32
N LYS D 142 -5.31 33.24 21.40
CA LYS D 142 -3.90 33.52 21.67
C LYS D 142 -3.69 34.98 22.10
N GLY D 143 -3.13 35.17 23.29
CA GLY D 143 -2.78 36.49 23.79
C GLY D 143 -3.94 37.30 24.34
N LYS D 144 -5.02 36.63 24.72
CA LYS D 144 -6.21 37.30 25.28
C LYS D 144 -6.49 36.83 26.71
N GLU D 145 -5.47 36.25 27.37
CA GLU D 145 -5.60 35.73 28.72
C GLU D 145 -5.97 36.82 29.74
N LYS D 146 -5.45 38.03 29.51
CA LYS D 146 -5.75 39.19 30.35
C LYS D 146 -7.25 39.54 30.32
N GLU D 147 -7.86 39.40 29.15
CA GLU D 147 -9.27 39.76 28.96
C GLU D 147 -10.23 38.56 29.20
N THR D 148 -9.89 37.40 28.66
CA THR D 148 -10.73 36.20 28.81
C THR D 148 -10.67 35.60 30.21
N GLY D 149 -9.47 35.65 30.80
CA GLY D 149 -9.24 35.09 32.14
C GLY D 149 -8.55 33.75 32.13
N TYR D 150 -8.58 33.07 30.98
CA TYR D 150 -8.03 31.71 30.85
C TYR D 150 -6.80 31.70 29.95
N MET D 151 -6.06 30.59 30.00
CA MET D 151 -4.93 30.36 29.10
C MET D 151 -5.46 30.02 27.70
N ALA D 152 -4.63 30.21 26.69
CA ALA D 152 -5.03 29.95 25.30
C ALA D 152 -5.37 28.47 25.07
N GLU D 153 -6.52 28.24 24.42
CA GLU D 153 -7.03 26.90 24.13
C GLU D 153 -7.59 26.91 22.70
N GLU D 154 -7.18 25.94 21.88
CA GLU D 154 -7.49 25.96 20.45
C GLU D 154 -8.83 25.34 20.06
N TRP D 155 -9.38 24.46 20.91
CA TRP D 155 -10.56 23.67 20.53
C TRP D 155 -11.84 23.92 21.34
N HIS D 156 -11.79 24.85 22.30
CA HIS D 156 -12.97 25.21 23.09
C HIS D 156 -13.91 26.11 22.28
N LEU D 157 -15.03 25.55 21.83
CA LEU D 157 -15.97 26.27 20.96
C LEU D 157 -17.22 26.75 21.71
N ARG D 158 -17.55 28.03 21.55
CA ARG D 158 -18.73 28.63 22.17
C ARG D 158 -19.75 29.00 21.12
N TYR D 159 -20.98 28.48 21.22
CA TYR D 159 -22.04 28.83 20.29
C TYR D 159 -22.64 30.21 20.61
N VAL D 160 -22.61 31.09 19.63
CA VAL D 160 -23.19 32.43 19.77
C VAL D 160 -24.31 32.69 18.77
N GLY D 161 -24.20 32.11 17.56
CA GLY D 161 -25.25 32.19 16.56
C GLY D 161 -24.83 33.01 15.37
N LYS D 162 -25.75 33.84 14.87
CA LYS D 162 -25.54 34.61 13.64
C LYS D 162 -24.38 35.60 13.74
N GLU D 163 -24.12 36.12 14.94
CA GLU D 163 -23.10 37.15 15.15
C GLU D 163 -21.64 36.65 15.21
N ALA D 164 -21.43 35.33 15.12
CA ALA D 164 -20.08 34.75 15.20
C ALA D 164 -19.10 35.31 14.15
N LYS D 165 -19.57 35.51 12.92
CA LYS D 165 -18.71 36.03 11.84
C LYS D 165 -18.14 37.43 12.13
N GLU D 166 -18.94 38.30 12.72
CA GLU D 166 -18.49 39.64 13.13
C GLU D 166 -17.47 39.58 14.25
N ILE D 167 -17.72 38.68 15.19
CA ILE D 167 -16.82 38.45 16.32
C ILE D 167 -15.49 37.89 15.83
N ALA D 168 -15.58 36.94 14.88
CA ALA D 168 -14.40 36.28 14.34
C ALA D 168 -13.48 37.27 13.65
N GLU D 169 -14.02 38.02 12.68
CA GLU D 169 -13.21 38.93 11.87
C GLU D 169 -12.69 40.16 12.62
N SER D 170 -13.34 40.51 13.74
CA SER D 170 -12.85 41.58 14.60
C SER D 170 -11.53 41.19 15.29
N GLY D 171 -11.37 39.89 15.54
CA GLY D 171 -10.18 39.35 16.21
C GLY D 171 -10.24 39.49 17.73
N LEU D 172 -11.40 39.89 18.25
CA LEU D 172 -11.56 40.22 19.66
C LEU D 172 -12.07 39.05 20.49
N SER D 173 -12.03 39.21 21.81
CA SER D 173 -12.67 38.30 22.75
C SER D 173 -14.09 38.80 22.97
N LEU D 174 -14.96 37.93 23.49
CA LEU D 174 -16.35 38.34 23.79
C LEU D 174 -16.36 39.46 24.82
N GLU D 175 -15.42 39.42 25.75
CA GLU D 175 -15.27 40.48 26.77
C GLU D 175 -15.02 41.84 26.13
N GLU D 176 -14.09 41.87 25.17
CA GLU D 176 -13.76 43.10 24.43
C GLU D 176 -14.85 43.46 23.42
N TYR D 177 -15.40 42.46 22.74
CA TYR D 177 -16.41 42.67 21.70
C TYR D 177 -17.68 43.29 22.28
N TYR D 178 -18.26 42.61 23.27
CA TYR D 178 -19.52 43.05 23.87
C TYR D 178 -19.34 44.05 25.00
N GLY D 179 -18.12 44.14 25.54
CA GLY D 179 -17.82 45.09 26.60
C GLY D 179 -18.36 44.67 27.94
N PHE D 180 -17.77 43.61 28.50
CA PHE D 180 -18.01 43.24 29.90
C PHE D 180 -16.73 42.72 30.56
N GLU D 181 -16.77 42.61 31.88
CA GLU D 181 -15.58 42.23 32.66
C GLU D 181 -15.22 40.76 32.51
N GLY D 182 -13.91 40.50 32.45
CA GLY D 182 -13.37 39.15 32.51
C GLY D 182 -12.31 39.07 33.59
N GLY D 183 -11.06 38.82 33.19
CA GLY D 183 -9.95 38.78 34.13
C GLY D 183 -9.97 37.58 35.06
N ASP D 184 -9.31 37.71 36.20
CA ASP D 184 -9.21 36.64 37.19
C ASP D 184 -10.44 36.61 38.10
N TYR D 185 -10.43 35.74 39.10
CA TYR D 185 -11.51 35.66 40.09
C TYR D 185 -11.50 36.86 41.05
N VAL D 186 -12.50 36.89 41.94
CA VAL D 186 -12.57 37.87 43.04
C VAL D 186 -12.49 39.31 42.54
N HIS E 3 -14.80 -13.71 -5.46
CA HIS E 3 -14.37 -13.95 -6.88
C HIS E 3 -12.90 -13.59 -7.08
N MET E 4 -12.07 -14.61 -7.32
CA MET E 4 -10.64 -14.42 -7.50
C MET E 4 -10.27 -14.28 -8.97
N GLU E 5 -9.36 -13.36 -9.27
CA GLU E 5 -8.90 -13.11 -10.63
C GLU E 5 -7.74 -14.03 -10.97
N VAL E 6 -7.41 -14.10 -12.26
CA VAL E 6 -6.43 -15.05 -12.78
C VAL E 6 -5.26 -14.31 -13.45
N VAL E 7 -4.04 -14.75 -13.18
CA VAL E 7 -2.84 -14.10 -13.73
C VAL E 7 -2.54 -14.57 -15.15
N ASN E 8 -2.01 -13.66 -15.98
CA ASN E 8 -1.66 -13.96 -17.36
C ASN E 8 -0.17 -14.25 -17.48
N LYS E 9 0.16 -15.47 -17.90
CA LYS E 9 1.55 -15.92 -18.05
C LYS E 9 2.09 -15.72 -19.48
N GLY E 10 1.29 -15.09 -20.34
CA GLY E 10 1.65 -14.88 -21.74
C GLY E 10 0.75 -15.69 -22.65
N ASP E 11 1.11 -16.94 -22.87
CA ASP E 11 0.36 -17.82 -23.76
C ASP E 11 -0.87 -18.45 -23.10
N TYR E 12 -0.95 -18.38 -21.77
CA TYR E 12 -2.11 -18.90 -21.05
C TYR E 12 -2.37 -18.13 -19.75
N TYR E 13 -3.50 -18.42 -19.12
CA TYR E 13 -3.81 -17.90 -17.78
C TYR E 13 -3.67 -19.02 -16.75
N SER E 14 -3.36 -18.65 -15.50
CA SER E 14 -3.22 -19.64 -14.43
C SER E 14 -3.55 -19.07 -13.05
N ILE E 15 -3.85 -19.97 -12.13
CA ILE E 15 -4.11 -19.63 -10.73
C ILE E 15 -3.34 -20.59 -9.83
N GLN E 16 -2.71 -20.03 -8.79
CA GLN E 16 -1.89 -20.81 -7.88
C GLN E 16 -2.78 -21.58 -6.92
N GLY E 17 -2.77 -22.91 -7.03
CA GLY E 17 -3.54 -23.76 -6.13
C GLY E 17 -2.90 -23.89 -4.77
N LYS E 18 -3.27 -24.93 -4.04
CA LYS E 18 -2.70 -25.18 -2.72
C LYS E 18 -1.29 -25.78 -2.83
N TYR E 19 -1.10 -26.65 -3.82
CA TYR E 19 0.20 -27.31 -4.04
C TYR E 19 0.83 -26.92 -5.37
N ASP E 20 0.04 -26.91 -6.45
CA ASP E 20 0.58 -26.73 -7.82
C ASP E 20 -0.03 -25.55 -8.57
N GLU E 21 0.56 -25.24 -9.73
CA GLU E 21 0.05 -24.19 -10.63
C GLU E 21 -1.03 -24.74 -11.56
N ILE E 22 -2.25 -24.23 -11.43
CA ILE E 22 -3.40 -24.74 -12.19
C ILE E 22 -3.66 -23.89 -13.44
N ILE E 23 -3.43 -24.49 -14.60
CA ILE E 23 -3.65 -23.80 -15.88
C ILE E 23 -5.14 -23.65 -16.16
N VAL E 24 -5.53 -22.45 -16.59
CA VAL E 24 -6.93 -22.11 -16.80
C VAL E 24 -7.29 -21.94 -18.27
N ALA E 25 -7.97 -22.94 -18.82
CA ALA E 25 -8.56 -22.88 -20.15
C ALA E 25 -10.08 -22.99 -20.00
N ASN E 26 -10.81 -22.15 -20.73
CA ASN E 26 -12.24 -21.94 -20.48
C ASN E 26 -12.90 -21.28 -21.68
N LYS E 27 -14.21 -21.02 -21.58
CA LYS E 27 -14.91 -20.15 -22.53
C LYS E 27 -14.46 -18.69 -22.43
N HIS E 28 -14.08 -18.27 -21.23
CA HIS E 28 -13.69 -16.88 -20.97
C HIS E 28 -12.19 -16.61 -21.14
N TYR E 29 -11.35 -17.54 -20.65
CA TYR E 29 -9.89 -17.37 -20.65
C TYR E 29 -9.21 -18.25 -21.71
N PRO E 30 -9.02 -17.74 -22.93
CA PRO E 30 -8.43 -18.56 -23.98
C PRO E 30 -6.92 -18.79 -23.85
N LEU E 31 -6.43 -19.80 -24.58
CA LEU E 31 -5.01 -20.05 -24.75
C LEU E 31 -4.55 -19.34 -26.03
N SER E 32 -3.26 -19.08 -26.13
CA SER E 32 -2.70 -18.40 -27.30
C SER E 32 -2.58 -19.35 -28.49
N LYS E 33 -2.37 -18.78 -29.67
CA LYS E 33 -2.20 -19.55 -30.90
C LYS E 33 -0.97 -20.45 -30.84
N ASP E 34 0.14 -19.86 -30.38
CA ASP E 34 1.45 -20.53 -30.39
C ASP E 34 1.70 -21.48 -29.21
N TYR E 35 0.75 -21.58 -28.29
CA TYR E 35 0.88 -22.50 -27.17
C TYR E 35 0.61 -23.94 -27.61
N ASN E 36 1.69 -24.66 -27.91
CA ASN E 36 1.63 -26.05 -28.36
C ASN E 36 2.47 -26.96 -27.45
N PRO E 37 2.04 -27.12 -26.19
CA PRO E 37 2.84 -27.87 -25.21
C PRO E 37 2.85 -29.38 -25.45
N GLY E 38 1.79 -29.91 -26.06
CA GLY E 38 1.64 -31.35 -26.25
C GLY E 38 1.16 -32.02 -24.98
N GLU E 39 1.25 -33.35 -24.97
CA GLU E 39 0.73 -34.18 -23.88
C GLU E 39 1.67 -34.16 -22.68
N ASN E 40 1.11 -33.91 -21.49
CA ASN E 40 1.91 -33.87 -20.26
C ASN E 40 2.33 -35.28 -19.82
N PRO E 41 3.64 -35.57 -19.83
CA PRO E 41 4.11 -36.93 -19.51
C PRO E 41 3.81 -37.38 -18.08
N THR E 42 3.79 -36.44 -17.13
CA THR E 42 3.42 -36.75 -15.75
C THR E 42 1.95 -37.15 -15.68
N ALA E 43 1.10 -36.40 -16.37
CA ALA E 43 -0.35 -36.65 -16.40
C ALA E 43 -0.69 -37.89 -17.22
N LYS E 44 0.04 -38.12 -18.31
CA LYS E 44 -0.16 -39.31 -19.15
C LYS E 44 0.08 -40.59 -18.36
N ALA E 45 1.16 -40.60 -17.57
CA ALA E 45 1.51 -41.75 -16.73
C ALA E 45 0.40 -42.10 -15.76
N GLU E 46 -0.24 -41.08 -15.19
CA GLU E 46 -1.35 -41.28 -14.26
C GLU E 46 -2.60 -41.82 -14.97
N LEU E 47 -2.81 -41.36 -16.21
CA LEU E 47 -3.92 -41.83 -17.03
C LEU E 47 -3.82 -43.33 -17.33
N VAL E 48 -2.63 -43.79 -17.68
CA VAL E 48 -2.39 -45.22 -17.90
C VAL E 48 -2.70 -46.02 -16.62
N LYS E 49 -2.25 -45.52 -15.47
CA LYS E 49 -2.56 -46.13 -14.18
C LYS E 49 -4.07 -46.18 -13.94
N LEU E 50 -4.77 -45.10 -14.33
CA LEU E 50 -6.22 -45.02 -14.17
C LEU E 50 -6.94 -45.96 -15.13
N ILE E 51 -6.47 -46.00 -16.38
CA ILE E 51 -7.10 -46.86 -17.39
C ILE E 51 -6.96 -48.31 -16.98
N LYS E 52 -5.75 -48.71 -16.58
CA LYS E 52 -5.49 -50.07 -16.11
C LYS E 52 -6.43 -50.44 -14.94
N ALA E 53 -6.70 -49.46 -14.07
CA ALA E 53 -7.60 -49.66 -12.93
C ALA E 53 -9.07 -49.79 -13.36
N MET E 54 -9.52 -48.91 -14.26
CA MET E 54 -10.90 -48.96 -14.75
C MET E 54 -11.19 -50.29 -15.44
N GLN E 55 -10.23 -50.77 -16.23
CA GLN E 55 -10.35 -52.07 -16.91
C GLN E 55 -10.39 -53.22 -15.89
N GLU E 56 -9.54 -53.15 -14.88
CA GLU E 56 -9.53 -54.14 -13.80
C GLU E 56 -10.85 -54.15 -13.04
N ALA E 57 -11.53 -53.01 -12.97
CA ALA E 57 -12.86 -52.92 -12.38
C ALA E 57 -13.97 -53.35 -13.35
N GLY E 58 -13.62 -54.19 -14.32
CA GLY E 58 -14.61 -54.82 -15.21
C GLY E 58 -15.27 -53.91 -16.23
N PHE E 59 -14.67 -52.75 -16.49
CA PHE E 59 -15.26 -51.76 -17.39
C PHE E 59 -14.62 -51.83 -18.77
N PRO E 60 -15.44 -51.71 -19.83
CA PRO E 60 -14.95 -51.78 -21.20
C PRO E 60 -14.36 -50.45 -21.65
N ILE E 61 -13.21 -50.09 -21.07
CA ILE E 61 -12.53 -48.85 -21.37
C ILE E 61 -11.35 -49.13 -22.29
N SER E 62 -11.23 -48.34 -23.36
CA SER E 62 -10.15 -48.52 -24.34
C SER E 62 -8.85 -47.93 -23.84
N ASP E 63 -7.74 -48.43 -24.37
CA ASP E 63 -6.43 -47.85 -24.09
C ASP E 63 -6.19 -46.59 -24.92
N HIS E 64 -6.98 -46.42 -25.97
CA HIS E 64 -6.96 -45.17 -26.74
C HIS E 64 -7.70 -44.07 -25.98
N TYR E 65 -7.33 -42.83 -26.24
CA TYR E 65 -7.95 -41.67 -25.58
C TYR E 65 -7.81 -40.40 -26.42
N SER E 66 -8.73 -39.45 -26.21
CA SER E 66 -8.62 -38.12 -26.82
C SER E 66 -7.85 -37.21 -25.88
N GLY E 67 -6.55 -37.11 -26.10
CA GLY E 67 -5.69 -36.28 -25.26
C GLY E 67 -5.51 -34.89 -25.83
N PHE E 68 -4.31 -34.60 -26.32
CA PHE E 68 -3.95 -33.28 -26.79
C PHE E 68 -4.50 -32.99 -28.19
N ARG E 69 -5.06 -31.78 -28.35
CA ARG E 69 -5.47 -31.27 -29.65
C ARG E 69 -4.96 -29.85 -29.81
N SER E 70 -4.09 -29.64 -30.79
CA SER E 70 -3.44 -28.35 -31.01
C SER E 70 -4.43 -27.29 -31.49
N TYR E 71 -3.95 -26.05 -31.59
CA TYR E 71 -4.76 -24.92 -32.04
C TYR E 71 -5.25 -25.08 -33.48
N GLU E 72 -4.39 -25.60 -34.36
CA GLU E 72 -4.74 -25.79 -35.76
C GLU E 72 -5.78 -26.89 -35.95
N THR E 73 -5.63 -28.00 -35.21
CA THR E 73 -6.60 -29.09 -35.27
C THR E 73 -7.97 -28.64 -34.77
N GLN E 74 -7.98 -27.88 -33.67
CA GLN E 74 -9.22 -27.35 -33.11
C GLN E 74 -9.90 -26.34 -34.04
N THR E 75 -9.11 -25.69 -34.90
CA THR E 75 -9.64 -24.79 -35.93
C THR E 75 -10.37 -25.59 -37.01
N LYS E 76 -9.71 -26.64 -37.52
CA LYS E 76 -10.31 -27.53 -38.51
C LYS E 76 -11.47 -28.34 -37.92
N LEU E 77 -11.40 -28.61 -36.62
CA LEU E 77 -12.44 -29.37 -35.92
C LEU E 77 -13.70 -28.52 -35.74
N TYR E 78 -13.52 -27.25 -35.38
CA TYR E 78 -14.64 -26.34 -35.10
C TYR E 78 -15.43 -26.05 -36.37
N GLN E 79 -14.72 -25.66 -37.42
CA GLN E 79 -15.31 -25.58 -38.75
C GLN E 79 -15.73 -26.98 -39.19
N ASP E 80 -16.49 -27.06 -40.29
CA ASP E 80 -16.94 -28.35 -40.83
C ASP E 80 -17.99 -29.01 -39.94
N ALA E 89 -25.04 -24.99 -32.38
CA ALA E 89 -24.83 -26.41 -32.66
C ALA E 89 -23.37 -26.81 -32.49
N ALA E 90 -22.49 -26.12 -33.20
CA ALA E 90 -21.05 -26.32 -33.06
C ALA E 90 -20.56 -25.85 -31.68
N ASP E 91 -21.15 -24.78 -31.17
CA ASP E 91 -20.83 -24.27 -29.85
C ASP E 91 -21.24 -25.23 -28.73
N ARG E 92 -22.21 -26.11 -28.99
CA ARG E 92 -22.62 -27.13 -28.02
C ARG E 92 -21.66 -28.31 -27.99
N TYR E 93 -21.52 -28.99 -29.13
CA TYR E 93 -20.73 -30.23 -29.21
C TYR E 93 -19.29 -30.00 -29.71
N SER E 94 -18.76 -28.79 -29.52
CA SER E 94 -17.37 -28.51 -29.89
C SER E 94 -16.83 -27.29 -29.13
N ALA E 95 -15.58 -26.93 -29.39
CA ALA E 95 -14.96 -25.77 -28.78
C ALA E 95 -14.30 -24.90 -29.85
N ARG E 96 -14.30 -23.58 -29.64
CA ARG E 96 -13.62 -22.67 -30.54
C ARG E 96 -12.11 -22.75 -30.34
N PRO E 97 -11.32 -22.64 -31.44
CA PRO E 97 -9.87 -22.79 -31.33
C PRO E 97 -9.25 -21.85 -30.30
N GLY E 98 -8.60 -22.44 -29.30
CA GLY E 98 -7.99 -21.69 -28.20
C GLY E 98 -8.73 -21.89 -26.89
N TYR E 99 -10.03 -22.20 -26.98
CA TYR E 99 -10.88 -22.31 -25.80
C TYR E 99 -11.08 -23.75 -25.32
N SER E 100 -10.48 -24.71 -26.04
CA SER E 100 -10.52 -26.11 -25.63
C SER E 100 -9.49 -26.39 -24.54
N GLU E 101 -9.85 -27.26 -23.59
CA GLU E 101 -8.93 -27.63 -22.52
C GLU E 101 -7.91 -28.66 -22.99
N HIS E 102 -8.20 -29.33 -24.11
CA HIS E 102 -7.30 -30.32 -24.69
C HIS E 102 -5.97 -29.72 -25.18
N GLN E 103 -5.97 -28.42 -25.50
CA GLN E 103 -4.75 -27.75 -25.96
C GLN E 103 -3.72 -27.56 -24.83
N THR E 104 -4.16 -27.66 -23.58
CA THR E 104 -3.25 -27.64 -22.44
C THR E 104 -2.40 -28.90 -22.39
N GLY E 105 -3.03 -30.04 -22.67
CA GLY E 105 -2.39 -31.36 -22.52
C GLY E 105 -2.58 -31.93 -21.12
N LEU E 106 -3.54 -31.38 -20.39
CA LEU E 106 -3.91 -31.89 -19.07
C LEU E 106 -5.33 -32.48 -19.06
N ALA E 107 -6.03 -32.39 -20.20
CA ALA E 107 -7.37 -32.94 -20.34
C ALA E 107 -7.36 -34.19 -21.23
N PHE E 108 -8.08 -35.24 -20.80
CA PHE E 108 -8.14 -36.50 -21.53
C PHE E 108 -9.55 -37.09 -21.51
N ASP E 109 -10.05 -37.52 -22.67
CA ASP E 109 -11.37 -38.18 -22.75
C ASP E 109 -11.21 -39.70 -22.73
N VAL E 110 -11.94 -40.34 -21.83
CA VAL E 110 -11.99 -41.80 -21.74
C VAL E 110 -12.94 -42.35 -22.83
N ILE E 111 -12.64 -43.54 -23.35
CA ILE E 111 -13.40 -44.14 -24.45
C ILE E 111 -13.91 -45.55 -24.11
N GLY E 112 -15.06 -45.91 -24.67
CA GLY E 112 -15.61 -47.26 -24.56
C GLY E 112 -15.14 -48.19 -25.67
N THR E 113 -14.99 -49.48 -25.36
CA THR E 113 -14.49 -50.47 -26.31
C THR E 113 -15.59 -51.22 -27.08
N ASP E 114 -16.85 -51.02 -26.70
CA ASP E 114 -17.97 -51.60 -27.43
C ASP E 114 -19.17 -50.65 -27.49
N GLY E 115 -18.89 -49.34 -27.47
CA GLY E 115 -19.94 -48.32 -27.42
C GLY E 115 -20.42 -48.05 -26.01
N GLU E 121 -22.61 -46.50 -17.35
CA GLU E 121 -23.20 -45.70 -16.27
C GLU E 121 -22.49 -45.90 -14.94
N LYS E 122 -22.13 -47.15 -14.63
CA LYS E 122 -21.29 -47.45 -13.47
C LYS E 122 -19.89 -46.87 -13.60
N ALA E 123 -19.37 -46.85 -14.84
CA ALA E 123 -18.03 -46.33 -15.13
C ALA E 123 -17.88 -44.84 -14.77
N ALA E 124 -18.93 -44.06 -15.03
CA ALA E 124 -18.94 -42.64 -14.70
C ALA E 124 -18.93 -42.42 -13.19
N GLN E 125 -19.54 -43.33 -12.45
CA GLN E 125 -19.52 -43.30 -10.99
C GLN E 125 -18.13 -43.64 -10.45
N TRP E 126 -17.45 -44.58 -11.11
CA TRP E 126 -16.08 -44.94 -10.78
C TRP E 126 -15.15 -43.74 -10.92
N LEU E 127 -15.39 -42.92 -11.94
CA LEU E 127 -14.60 -41.71 -12.16
C LEU E 127 -14.85 -40.68 -11.07
N LEU E 128 -16.12 -40.40 -10.78
CA LEU E 128 -16.46 -39.49 -9.68
C LEU E 128 -15.89 -39.97 -8.33
N ASP E 129 -15.84 -41.28 -8.14
CA ASP E 129 -15.37 -41.87 -6.88
C ASP E 129 -13.84 -41.92 -6.73
N HIS E 130 -13.14 -42.47 -7.72
CA HIS E 130 -11.70 -42.77 -7.59
C HIS E 130 -10.78 -42.14 -8.63
N ALA E 131 -11.25 -41.12 -9.37
CA ALA E 131 -10.39 -40.41 -10.32
C ALA E 131 -9.29 -39.65 -9.57
N ALA E 132 -9.65 -39.06 -8.43
CA ALA E 132 -8.72 -38.26 -7.62
C ALA E 132 -7.49 -39.05 -7.14
N ASP E 133 -7.65 -40.36 -6.98
CA ASP E 133 -6.52 -41.24 -6.63
C ASP E 133 -5.34 -41.08 -7.60
N TYR E 134 -5.65 -40.76 -8.86
CA TYR E 134 -4.65 -40.58 -9.91
C TYR E 134 -4.49 -39.11 -10.30
N GLY E 135 -4.95 -38.21 -9.42
CA GLY E 135 -4.85 -36.77 -9.65
C GLY E 135 -5.75 -36.22 -10.72
N PHE E 136 -6.91 -36.84 -10.93
CA PHE E 136 -7.84 -36.43 -11.99
C PHE E 136 -9.21 -36.07 -11.43
N VAL E 137 -9.90 -35.18 -12.13
CA VAL E 137 -11.25 -34.74 -11.76
C VAL E 137 -12.19 -34.67 -12.97
N VAL E 138 -13.44 -35.04 -12.75
CA VAL E 138 -14.47 -34.92 -13.78
C VAL E 138 -14.77 -33.42 -13.91
N ARG E 139 -14.22 -32.81 -14.95
CA ARG E 139 -14.27 -31.37 -15.17
C ARG E 139 -15.69 -30.83 -15.28
N TYR E 140 -16.47 -31.37 -16.21
CA TYR E 140 -17.82 -30.87 -16.48
C TYR E 140 -18.87 -31.70 -15.74
N LEU E 141 -19.04 -31.37 -14.47
CA LEU E 141 -19.96 -32.07 -13.59
C LEU E 141 -21.41 -31.78 -13.93
N LYS E 142 -22.28 -32.74 -13.62
CA LYS E 142 -23.72 -32.63 -13.87
C LYS E 142 -24.30 -31.41 -13.13
N GLY E 143 -25.02 -30.58 -13.86
CA GLY E 143 -25.63 -29.38 -13.30
C GLY E 143 -24.66 -28.24 -12.98
N LYS E 144 -23.47 -28.29 -13.58
CA LYS E 144 -22.46 -27.24 -13.40
C LYS E 144 -22.15 -26.54 -14.73
N GLU E 145 -23.03 -26.72 -15.71
CA GLU E 145 -22.87 -26.14 -17.04
C GLU E 145 -22.90 -24.60 -17.06
N LYS E 146 -23.57 -24.01 -16.07
CA LYS E 146 -23.64 -22.56 -15.93
C LYS E 146 -22.28 -21.97 -15.51
N GLU E 147 -21.55 -22.70 -14.68
CA GLU E 147 -20.26 -22.26 -14.14
C GLU E 147 -19.07 -22.64 -15.03
N THR E 148 -19.16 -23.81 -15.66
CA THR E 148 -18.08 -24.32 -16.49
C THR E 148 -18.13 -23.79 -17.93
N GLY E 149 -19.35 -23.60 -18.43
CA GLY E 149 -19.56 -23.13 -19.80
C GLY E 149 -19.80 -24.26 -20.80
N TYR E 150 -19.59 -25.50 -20.36
CA TYR E 150 -19.80 -26.68 -21.20
C TYR E 150 -20.92 -27.53 -20.62
N MET E 151 -21.65 -28.21 -21.50
CA MET E 151 -22.66 -29.19 -21.06
C MET E 151 -21.97 -30.40 -20.43
N ALA E 152 -22.70 -31.09 -19.56
CA ALA E 152 -22.16 -32.19 -18.76
C ALA E 152 -21.48 -33.26 -19.63
N GLU E 153 -20.33 -33.74 -19.17
CA GLU E 153 -19.58 -34.81 -19.84
C GLU E 153 -19.04 -35.77 -18.77
N GLU E 154 -19.32 -37.06 -18.94
CA GLU E 154 -18.97 -38.07 -17.94
C GLU E 154 -17.50 -38.47 -18.00
N TRP E 155 -16.92 -38.43 -19.20
CA TRP E 155 -15.60 -39.02 -19.44
C TRP E 155 -14.47 -38.03 -19.72
N HIS E 156 -14.77 -36.73 -19.68
CA HIS E 156 -13.72 -35.71 -19.76
C HIS E 156 -13.04 -35.58 -18.39
N LEU E 157 -11.73 -35.84 -18.35
CA LEU E 157 -10.96 -35.80 -17.10
C LEU E 157 -9.84 -34.76 -17.19
N ARG E 158 -9.67 -33.98 -16.12
CA ARG E 158 -8.64 -32.96 -16.04
C ARG E 158 -7.64 -33.28 -14.93
N TYR E 159 -6.35 -33.34 -15.29
CA TYR E 159 -5.29 -33.54 -14.31
C TYR E 159 -4.98 -32.26 -13.55
N VAL E 160 -5.21 -32.26 -12.23
CA VAL E 160 -4.79 -31.15 -11.37
C VAL E 160 -3.61 -31.52 -10.48
N GLY E 161 -3.59 -32.77 -10.02
CA GLY E 161 -2.53 -33.27 -9.15
C GLY E 161 -3.03 -33.61 -7.77
N LYS E 162 -2.23 -33.29 -6.76
CA LYS E 162 -2.48 -33.70 -5.37
C LYS E 162 -3.76 -33.13 -4.75
N GLU E 163 -4.23 -31.99 -5.26
CA GLU E 163 -5.43 -31.32 -4.73
C GLU E 163 -6.75 -31.94 -5.21
N ALA E 164 -6.68 -32.86 -6.17
CA ALA E 164 -7.87 -33.50 -6.76
C ALA E 164 -8.82 -34.10 -5.71
N LYS E 165 -8.26 -34.72 -4.68
CA LYS E 165 -9.05 -35.36 -3.62
C LYS E 165 -9.98 -34.37 -2.91
N GLU E 166 -9.48 -33.17 -2.63
CA GLU E 166 -10.28 -32.12 -1.99
C GLU E 166 -11.34 -31.54 -2.93
N ILE E 167 -11.01 -31.48 -4.21
CA ILE E 167 -11.92 -30.95 -5.24
C ILE E 167 -13.11 -31.90 -5.41
N ALA E 168 -12.84 -33.20 -5.33
CA ALA E 168 -13.88 -34.22 -5.44
C ALA E 168 -14.75 -34.26 -4.17
N GLU E 169 -14.12 -34.09 -3.01
CA GLU E 169 -14.83 -34.05 -1.72
C GLU E 169 -15.85 -32.91 -1.65
N SER E 170 -15.44 -31.73 -2.10
CA SER E 170 -16.33 -30.56 -2.14
C SER E 170 -17.49 -30.76 -3.13
N GLY E 171 -17.21 -31.41 -4.25
CA GLY E 171 -18.21 -31.64 -5.28
C GLY E 171 -18.45 -30.41 -6.15
N LEU E 172 -17.49 -29.50 -6.15
CA LEU E 172 -17.60 -28.24 -6.91
C LEU E 172 -16.85 -28.31 -8.22
N SER E 173 -17.18 -27.38 -9.12
CA SER E 173 -16.40 -27.17 -10.33
C SER E 173 -15.14 -26.41 -9.96
N LEU E 174 -14.13 -26.45 -10.83
CA LEU E 174 -12.88 -25.69 -10.60
C LEU E 174 -13.17 -24.19 -10.54
N GLU E 175 -14.12 -23.74 -11.35
CA GLU E 175 -14.53 -22.33 -11.34
C GLU E 175 -15.10 -21.92 -9.99
N GLU E 176 -15.90 -22.80 -9.38
CA GLU E 176 -16.45 -22.58 -8.04
C GLU E 176 -15.40 -22.79 -6.95
N TYR E 177 -14.66 -23.89 -7.06
CA TYR E 177 -13.62 -24.24 -6.09
C TYR E 177 -12.61 -23.11 -5.90
N TYR E 178 -11.96 -22.70 -6.98
CA TYR E 178 -10.96 -21.63 -6.93
C TYR E 178 -11.57 -20.23 -7.09
N GLY E 179 -12.80 -20.16 -7.60
CA GLY E 179 -13.55 -18.91 -7.66
C GLY E 179 -13.23 -18.00 -8.82
N PHE E 180 -12.97 -18.57 -10.00
CA PHE E 180 -12.69 -17.76 -11.20
C PHE E 180 -13.81 -17.84 -12.25
N GLU E 181 -13.74 -16.94 -13.23
CA GLU E 181 -14.80 -16.79 -14.22
C GLU E 181 -14.86 -17.97 -15.19
N GLY E 182 -16.07 -18.34 -15.58
CA GLY E 182 -16.31 -19.34 -16.61
C GLY E 182 -17.36 -18.82 -17.58
N GLY E 183 -18.55 -19.42 -17.53
CA GLY E 183 -19.67 -18.95 -18.35
C GLY E 183 -19.50 -19.23 -19.83
N ASP E 184 -20.24 -18.48 -20.64
CA ASP E 184 -20.24 -18.69 -22.10
C ASP E 184 -19.27 -17.71 -22.78
N TYR E 185 -19.24 -17.75 -24.11
CA TYR E 185 -18.33 -16.92 -24.92
C TYR E 185 -18.55 -15.40 -24.79
N VAL E 186 -17.62 -14.63 -25.36
CA VAL E 186 -17.61 -13.16 -25.34
C VAL E 186 -18.06 -12.56 -24.01
N ALA F 1 6.03 4.26 3.57
CA ALA F 1 6.56 4.87 4.84
C ALA F 1 6.16 4.07 6.09
N LYS F 3 12.19 4.00 8.74
CA LYS F 3 13.58 4.45 8.75
C LYS F 3 14.14 4.44 10.18
#